data_1JQ0
# 
_entry.id   1JQ0 
# 
_audit_conform.dict_name       mmcif_pdbx.dic 
_audit_conform.dict_version    5.376 
_audit_conform.dict_location   http://mmcif.pdb.org/dictionaries/ascii/mmcif_pdbx.dic 
# 
loop_
_database_2.database_id 
_database_2.database_code 
_database_2.pdbx_database_accession 
_database_2.pdbx_DOI 
PDB   1JQ0         pdb_00001jq0 10.2210/pdb1jq0/pdb 
RCSB  RCSB014052   ?            ?                   
WWPDB D_1000014052 ?            ?                   
# 
loop_
_pdbx_database_related.db_name 
_pdbx_database_related.db_id 
_pdbx_database_related.details 
_pdbx_database_related.content_type 
PDB 1QBZ .                                      unspecified 
PDB 1JPX '1JPX is the wild type of this entry.' unspecified 
# 
_pdbx_database_status.status_code                     REL 
_pdbx_database_status.entry_id                        1JQ0 
_pdbx_database_status.recvd_initial_deposition_date   2001-08-03 
_pdbx_database_status.deposit_site                    RCSB 
_pdbx_database_status.process_site                    RCSB 
_pdbx_database_status.SG_entry                        . 
_pdbx_database_status.pdb_format_compatible           Y 
_pdbx_database_status.status_code_mr                  ? 
_pdbx_database_status.status_code_sf                  ? 
_pdbx_database_status.status_code_cs                  ? 
_pdbx_database_status.methods_development_category    ? 
_pdbx_database_status.status_code_nmr_data            ? 
# 
loop_
_audit_author.name 
_audit_author.pdbx_ordinal 
'Liu, J.'         1 
'Wang, S.'        2 
'LaBranche, C.C.' 3 
'Hoxie, J.A.'     4 
'Lu, M.'          5 
# 
_citation.id                        primary 
_citation.title                     
;Mutations that destabilize the gp41 core are determinants for stabilizing the simian immunodeficiency virus-CPmac envelope glycoprotein complex.
;
_citation.journal_abbrev            J.Biol.Chem. 
_citation.journal_volume            277 
_citation.page_first                12891 
_citation.page_last                 12900 
_citation.year                      2002 
_citation.journal_id_ASTM           JBCHA3 
_citation.country                   US 
_citation.journal_id_ISSN           0021-9258 
_citation.journal_id_CSD            0071 
_citation.book_publisher            ? 
_citation.pdbx_database_id_PubMed   11830586 
_citation.pdbx_database_id_DOI      10.1074/jbc.M110315200 
# 
loop_
_citation_author.citation_id 
_citation_author.name 
_citation_author.ordinal 
_citation_author.identifier_ORCID 
primary 'Liu, J.'         1 ? 
primary 'Wang, S.'        2 ? 
primary 'Hoxie, J.A.'     3 ? 
primary 'LaBranche, C.C.' 4 ? 
primary 'Lu, M.'          5 ? 
# 
_cell.entry_id           1JQ0 
_cell.length_a           48.877 
_cell.length_b           48.877 
_cell.length_c           150.987 
_cell.angle_alpha        90.00 
_cell.angle_beta         90.00 
_cell.angle_gamma        120.00 
_cell.Z_PDB              18 
_cell.pdbx_unique_axis   ? 
# 
_symmetry.entry_id                         1JQ0 
_symmetry.space_group_name_H-M             'H 3 2' 
_symmetry.pdbx_full_space_group_name_H-M   ? 
_symmetry.cell_setting                     ? 
_symmetry.Int_Tables_number                155 
# 
loop_
_entity.id 
_entity.type 
_entity.src_method 
_entity.pdbx_description 
_entity.formula_weight 
_entity.pdbx_number_of_molecules 
_entity.pdbx_ec 
_entity.pdbx_mutation 
_entity.pdbx_fragment 
_entity.details 
1 polymer man 'gp41 envelope protein' 9835.155 1  ? 'L3S, V17L, K19T, T32I, E51K' 'N40(L6)C38' ? 
2 water   nat water                   18.015   47 ? ?                             ?            ? 
# 
_entity_name_com.entity_id   1 
_entity_name_com.name        'envelope glycoprotein' 
# 
_entity_poly.entity_id                      1 
_entity_poly.type                           'polypeptide(L)' 
_entity_poly.nstd_linkage                   no 
_entity_poly.nstd_monomer                   no 
_entity_poly.pdbx_seq_one_letter_code       
;RTSLAGIVQQQQQLLDLVTRQQELLRLTVWGIKNLQTRVTSGGRGGWQEWKRKVDFLEENITALLEEAQIQQEKNMYELQ
KLNS
;
_entity_poly.pdbx_seq_one_letter_code_can   
;RTSLAGIVQQQQQLLDLVTRQQELLRLTVWGIKNLQTRVTSGGRGGWQEWKRKVDFLEENITALLEEAQIQQEKNMYELQ
KLNS
;
_entity_poly.pdbx_strand_id                 A 
_entity_poly.pdbx_target_identifier         ? 
# 
loop_
_entity_poly_seq.entity_id 
_entity_poly_seq.num 
_entity_poly_seq.mon_id 
_entity_poly_seq.hetero 
1 1  ARG n 
1 2  THR n 
1 3  SER n 
1 4  LEU n 
1 5  ALA n 
1 6  GLY n 
1 7  ILE n 
1 8  VAL n 
1 9  GLN n 
1 10 GLN n 
1 11 GLN n 
1 12 GLN n 
1 13 GLN n 
1 14 LEU n 
1 15 LEU n 
1 16 ASP n 
1 17 LEU n 
1 18 VAL n 
1 19 THR n 
1 20 ARG n 
1 21 GLN n 
1 22 GLN n 
1 23 GLU n 
1 24 LEU n 
1 25 LEU n 
1 26 ARG n 
1 27 LEU n 
1 28 THR n 
1 29 VAL n 
1 30 TRP n 
1 31 GLY n 
1 32 ILE n 
1 33 LYS n 
1 34 ASN n 
1 35 LEU n 
1 36 GLN n 
1 37 THR n 
1 38 ARG n 
1 39 VAL n 
1 40 THR n 
1 41 SER n 
1 42 GLY n 
1 43 GLY n 
1 44 ARG n 
1 45 GLY n 
1 46 GLY n 
1 47 TRP n 
1 48 GLN n 
1 49 GLU n 
1 50 TRP n 
1 51 LYS n 
1 52 ARG n 
1 53 LYS n 
1 54 VAL n 
1 55 ASP n 
1 56 PHE n 
1 57 LEU n 
1 58 GLU n 
1 59 GLU n 
1 60 ASN n 
1 61 ILE n 
1 62 THR n 
1 63 ALA n 
1 64 LEU n 
1 65 LEU n 
1 66 GLU n 
1 67 GLU n 
1 68 ALA n 
1 69 GLN n 
1 70 ILE n 
1 71 GLN n 
1 72 GLN n 
1 73 GLU n 
1 74 LYS n 
1 75 ASN n 
1 76 MET n 
1 77 TYR n 
1 78 GLU n 
1 79 LEU n 
1 80 GLN n 
1 81 LYS n 
1 82 LEU n 
1 83 ASN n 
1 84 SER n 
# 
loop_
_entity_src_gen.entity_id 
_entity_src_gen.pdbx_src_id 
_entity_src_gen.pdbx_alt_source_flag 
_entity_src_gen.pdbx_seq_type 
_entity_src_gen.pdbx_beg_seq_num 
_entity_src_gen.pdbx_end_seq_num 
_entity_src_gen.gene_src_common_name 
_entity_src_gen.gene_src_genus 
_entity_src_gen.pdbx_gene_src_gene 
_entity_src_gen.gene_src_species 
_entity_src_gen.gene_src_strain 
_entity_src_gen.gene_src_tissue 
_entity_src_gen.gene_src_tissue_fraction 
_entity_src_gen.gene_src_details 
_entity_src_gen.pdbx_gene_src_fragment 
_entity_src_gen.pdbx_gene_src_scientific_name 
_entity_src_gen.pdbx_gene_src_ncbi_taxonomy_id 
_entity_src_gen.pdbx_gene_src_variant 
_entity_src_gen.pdbx_gene_src_cell_line 
_entity_src_gen.pdbx_gene_src_atcc 
_entity_src_gen.pdbx_gene_src_organ 
_entity_src_gen.pdbx_gene_src_organelle 
_entity_src_gen.pdbx_gene_src_cell 
_entity_src_gen.pdbx_gene_src_cellular_location 
_entity_src_gen.host_org_common_name 
_entity_src_gen.pdbx_host_org_scientific_name 
_entity_src_gen.pdbx_host_org_ncbi_taxonomy_id 
_entity_src_gen.host_org_genus 
_entity_src_gen.pdbx_host_org_gene 
_entity_src_gen.pdbx_host_org_organ 
_entity_src_gen.host_org_species 
_entity_src_gen.pdbx_host_org_tissue 
_entity_src_gen.pdbx_host_org_tissue_fraction 
_entity_src_gen.pdbx_host_org_strain 
_entity_src_gen.pdbx_host_org_variant 
_entity_src_gen.pdbx_host_org_cell_line 
_entity_src_gen.pdbx_host_org_atcc 
_entity_src_gen.pdbx_host_org_culture_collection 
_entity_src_gen.pdbx_host_org_cell 
_entity_src_gen.pdbx_host_org_organelle 
_entity_src_gen.pdbx_host_org_cellular_location 
_entity_src_gen.pdbx_host_org_vector_type 
_entity_src_gen.pdbx_host_org_vector 
_entity_src_gen.host_org_details 
_entity_src_gen.expression_system_id 
_entity_src_gen.plasmid_name 
_entity_src_gen.plasmid_details 
_entity_src_gen.pdbx_description 
1 1 sample ? 1  40 ? Lentivirus ? ? mac251 ? ? ? ? 'Simian immunodeficiency virus' 11723 ? ? ? ? ? ? ? ? 'Escherichia coli BL21' 
511693 Escherichia ? ? 'Escherichia coli' ? ? BL21 ? ? ? ? ? ? ? PLASMID ? ? ? ? ? ? 
1 2 sample ? 47 84 ? Lentivirus ? ? mac251 ? ? ? ? 'Simian immunodeficiency virus' 11723 ? ? ? ? ? ? ? ? 'Escherichia coli BL21' 
511693 Escherichia ? ? 'Escherichia coli' ? ? BL21 ? ? ? ? ? ? ? PLASMID ? ? ? ? ? ? 
# 
_struct_ref.id                         1 
_struct_ref.db_code                    Q88007_SIVCZ 
_struct_ref.db_name                    UNP 
_struct_ref.entity_id                  1 
_struct_ref.pdbx_db_accession          Q88007 
_struct_ref.pdbx_align_begin           ? 
_struct_ref.pdbx_seq_one_letter_code   ? 
_struct_ref.pdbx_db_isoform            ? 
# 
loop_
_struct_ref_seq.align_id 
_struct_ref_seq.ref_id 
_struct_ref_seq.pdbx_PDB_id_code 
_struct_ref_seq.pdbx_strand_id 
_struct_ref_seq.seq_align_beg 
_struct_ref_seq.pdbx_seq_align_beg_ins_code 
_struct_ref_seq.seq_align_end 
_struct_ref_seq.pdbx_seq_align_end_ins_code 
_struct_ref_seq.pdbx_db_accession 
_struct_ref_seq.db_align_beg 
_struct_ref_seq.pdbx_db_align_beg_ins_code 
_struct_ref_seq.db_align_end 
_struct_ref_seq.pdbx_db_align_end_ins_code 
_struct_ref_seq.pdbx_auth_seq_align_beg 
_struct_ref_seq.pdbx_auth_seq_align_end 
1 1 1JQ0 A 1  ? 40 ? Q88007 555 ? 594 ? 1  40 
2 1 1JQ0 A 47 ? 84 ? Q88007 637 ? 674 ? 47 84 
# 
loop_
_struct_ref_seq_dif.align_id 
_struct_ref_seq_dif.pdbx_pdb_id_code 
_struct_ref_seq_dif.mon_id 
_struct_ref_seq_dif.pdbx_pdb_strand_id 
_struct_ref_seq_dif.seq_num 
_struct_ref_seq_dif.pdbx_pdb_ins_code 
_struct_ref_seq_dif.pdbx_seq_db_name 
_struct_ref_seq_dif.pdbx_seq_db_accession_code 
_struct_ref_seq_dif.db_mon_id 
_struct_ref_seq_dif.pdbx_seq_db_seq_num 
_struct_ref_seq_dif.details 
_struct_ref_seq_dif.pdbx_auth_seq_num 
_struct_ref_seq_dif.pdbx_ordinal 
1 1JQ0 SER A 3  ? UNP Q88007 LEU 556 'engineered mutation' 3  1  
1 1JQ0 LEU A 17 ? UNP Q88007 VAL 570 'engineered mutation' 17 2  
1 1JQ0 THR A 19 ? UNP Q88007 LYS 572 'engineered mutation' 19 3  
1 1JQ0 ILE A 32 ? UNP Q88007 THR 585 'engineered mutation' 32 4  
1 1JQ0 SER A 41 ? UNP Q88007 ?   ?   linker                41 5  
1 1JQ0 GLY A 42 ? UNP Q88007 ?   ?   linker                42 6  
1 1JQ0 GLY A 43 ? UNP Q88007 ?   ?   linker                43 7  
1 1JQ0 ARG A 44 ? UNP Q88007 ?   ?   linker                44 8  
1 1JQ0 GLY A 45 ? UNP Q88007 ?   ?   linker                45 9  
1 1JQ0 GLY A 46 ? UNP Q88007 ?   ?   linker                46 10 
1 1JQ0 LYS A 51 ? UNP Q88007 GLU 640 'engineered mutation' 51 11 
# 
loop_
_chem_comp.id 
_chem_comp.type 
_chem_comp.mon_nstd_flag 
_chem_comp.name 
_chem_comp.pdbx_synonyms 
_chem_comp.formula 
_chem_comp.formula_weight 
ALA 'L-peptide linking' y ALANINE         ? 'C3 H7 N O2'     89.093  
ARG 'L-peptide linking' y ARGININE        ? 'C6 H15 N4 O2 1' 175.209 
ASN 'L-peptide linking' y ASPARAGINE      ? 'C4 H8 N2 O3'    132.118 
ASP 'L-peptide linking' y 'ASPARTIC ACID' ? 'C4 H7 N O4'     133.103 
GLN 'L-peptide linking' y GLUTAMINE       ? 'C5 H10 N2 O3'   146.144 
GLU 'L-peptide linking' y 'GLUTAMIC ACID' ? 'C5 H9 N O4'     147.129 
GLY 'peptide linking'   y GLYCINE         ? 'C2 H5 N O2'     75.067  
HOH non-polymer         . WATER           ? 'H2 O'           18.015  
ILE 'L-peptide linking' y ISOLEUCINE      ? 'C6 H13 N O2'    131.173 
LEU 'L-peptide linking' y LEUCINE         ? 'C6 H13 N O2'    131.173 
LYS 'L-peptide linking' y LYSINE          ? 'C6 H15 N2 O2 1' 147.195 
MET 'L-peptide linking' y METHIONINE      ? 'C5 H11 N O2 S'  149.211 
PHE 'L-peptide linking' y PHENYLALANINE   ? 'C9 H11 N O2'    165.189 
SER 'L-peptide linking' y SERINE          ? 'C3 H7 N O3'     105.093 
THR 'L-peptide linking' y THREONINE       ? 'C4 H9 N O3'     119.119 
TRP 'L-peptide linking' y TRYPTOPHAN      ? 'C11 H12 N2 O2'  204.225 
TYR 'L-peptide linking' y TYROSINE        ? 'C9 H11 N O3'    181.189 
VAL 'L-peptide linking' y VALINE          ? 'C5 H11 N O2'    117.146 
# 
_exptl.entry_id          1JQ0 
_exptl.method            'X-RAY DIFFRACTION' 
_exptl.crystals_number   1 
# 
_exptl_crystal.id                    1 
_exptl_crystal.density_meas          ? 
_exptl_crystal.density_Matthews      1.76 
_exptl_crystal.density_percent_sol   30.29 
_exptl_crystal.description           ? 
# 
_exptl_crystal_grow.crystal_id      1 
_exptl_crystal_grow.method          'VAPOR DIFFUSION, HANGING DROP' 
_exptl_crystal_grow.temp            298 
_exptl_crystal_grow.temp_details    ? 
_exptl_crystal_grow.pH              ? 
_exptl_crystal_grow.pdbx_details    'Sodium formate, VAPOR DIFFUSION, HANGING DROP, temperature 298K' 
_exptl_crystal_grow.pdbx_pH_range   . 
# 
_diffrn.id                     1 
_diffrn.ambient_temp           95.0 
_diffrn.ambient_temp_details   ? 
_diffrn.crystal_id             1 
# 
_diffrn_detector.diffrn_id              1 
_diffrn_detector.detector               CCD 
_diffrn_detector.type                   'BRANDEIS - B4' 
_diffrn_detector.pdbx_collection_date   2001-05-30 
_diffrn_detector.details                ? 
# 
_diffrn_radiation.diffrn_id                        1 
_diffrn_radiation.wavelength_id                    1 
_diffrn_radiation.pdbx_monochromatic_or_laue_m_l   M 
_diffrn_radiation.monochromator                    GRAPHITE 
_diffrn_radiation.pdbx_diffrn_protocol             'SINGLE WAVELENGTH' 
_diffrn_radiation.pdbx_scattering_type             x-ray 
# 
_diffrn_radiation_wavelength.id           1 
_diffrn_radiation_wavelength.wavelength   1.1000 
_diffrn_radiation_wavelength.wt           1.0 
# 
_diffrn_source.diffrn_id                   1 
_diffrn_source.source                      SYNCHROTRON 
_diffrn_source.type                        'NSLS BEAMLINE X25' 
_diffrn_source.pdbx_synchrotron_site       NSLS 
_diffrn_source.pdbx_synchrotron_beamline   X25 
_diffrn_source.pdbx_wavelength             ? 
_diffrn_source.pdbx_wavelength_list        1.1000 
# 
_reflns.entry_id                     1JQ0 
_reflns.observed_criterion_sigma_I   0.0 
_reflns.observed_criterion_sigma_F   0.0 
_reflns.d_resolution_low             50.0 
_reflns.d_resolution_high            1.7 
_reflns.number_obs                   7973 
_reflns.number_all                   7973 
_reflns.percent_possible_obs         99.9 
_reflns.pdbx_Rmerge_I_obs            0.0400000 
_reflns.pdbx_Rsym_value              ? 
_reflns.pdbx_netI_over_sigmaI        16.6 
_reflns.B_iso_Wilson_estimate        24.0 
_reflns.pdbx_redundancy              9.6 
_reflns.R_free_details               ? 
_reflns.limit_h_max                  ? 
_reflns.limit_h_min                  ? 
_reflns.limit_k_max                  ? 
_reflns.limit_k_min                  ? 
_reflns.limit_l_max                  ? 
_reflns.limit_l_min                  ? 
_reflns.observed_criterion_F_max     ? 
_reflns.observed_criterion_F_min     ? 
_reflns.pdbx_ordinal                 1 
_reflns.pdbx_diffrn_id               1 
# 
_reflns_shell.d_res_high             1.70 
_reflns_shell.d_res_low              1.76 
_reflns_shell.percent_possible_all   99.5 
_reflns_shell.Rmerge_I_obs           0.2490000 
_reflns_shell.pdbx_Rsym_value        ? 
_reflns_shell.meanI_over_sigI_obs    9.0 
_reflns_shell.pdbx_redundancy        9.4 
_reflns_shell.percent_possible_obs   ? 
_reflns_shell.number_unique_all      770 
_reflns_shell.pdbx_ordinal           1 
_reflns_shell.pdbx_diffrn_id         1 
# 
_refine.entry_id                                 1JQ0 
_refine.ls_number_reflns_obs                     7973 
_refine.ls_number_reflns_all                     7973 
_refine.pdbx_ls_sigma_I                          ? 
_refine.pdbx_ls_sigma_F                          0.0 
_refine.pdbx_data_cutoff_high_absF               1580800.13 
_refine.pdbx_data_cutoff_low_absF                0.000000 
_refine.ls_d_res_low                             36.92 
_refine.ls_d_res_high                            1.70 
_refine.ls_percent_reflns_obs                    99.9 
_refine.ls_R_factor_obs                          ? 
_refine.ls_R_factor_all                          ? 
_refine.ls_R_factor_R_work                       0.2090000 
_refine.ls_R_factor_R_free                       0.2520000 
_refine.ls_R_factor_R_free_error                 0.009 
_refine.ls_R_factor_R_free_error_details         ? 
_refine.ls_percent_reflns_R_free                 10.6 
_refine.ls_number_reflns_R_free                  847 
_refine.ls_number_parameters                     ? 
_refine.ls_number_restraints                     ? 
_refine.occupancy_min                            ? 
_refine.occupancy_max                            ? 
_refine.B_iso_mean                               24.3 
_refine.aniso_B[1][1]                            0.54 
_refine.aniso_B[2][2]                            0.54 
_refine.aniso_B[3][3]                            -1.08 
_refine.aniso_B[1][2]                            -0.94 
_refine.aniso_B[1][3]                            0.00 
_refine.aniso_B[2][3]                            0.00 
_refine.solvent_model_details                    'FLAT MODEL' 
_refine.solvent_model_param_ksol                 0.410957 
_refine.solvent_model_param_bsol                 76.1332 
_refine.pdbx_ls_cross_valid_method               THROUGHOUT 
_refine.details                                  ? 
_refine.pdbx_starting_model                      'PDB ENTRY 1QBZ' 
_refine.pdbx_method_to_determine_struct          'MOLECULAR REPLACEMENT' 
_refine.pdbx_isotropic_thermal_model             RESTRAINED 
_refine.pdbx_stereochemistry_target_values       'Engh & Huber' 
_refine.pdbx_stereochem_target_val_spec_case     ? 
_refine.pdbx_R_Free_selection_details            RANDOM 
_refine.pdbx_overall_ESU_R_Free                  ? 
_refine.overall_SU_B                             ? 
_refine.ls_redundancy_reflns_obs                 ? 
_refine.B_iso_min                                ? 
_refine.B_iso_max                                ? 
_refine.correlation_coeff_Fo_to_Fc               ? 
_refine.overall_SU_R_Cruickshank_DPI             ? 
_refine.overall_SU_R_free                        ? 
_refine.overall_SU_ML                            ? 
_refine.pdbx_overall_ESU_R                       ? 
_refine.pdbx_data_cutoff_high_rms_absF           ? 
_refine.correlation_coeff_Fo_to_Fc_free          ? 
_refine.pdbx_solvent_vdw_probe_radii             ? 
_refine.pdbx_solvent_ion_probe_radii             ? 
_refine.pdbx_solvent_shrinkage_radii             ? 
_refine.pdbx_refine_id                           'X-RAY DIFFRACTION' 
_refine.pdbx_diffrn_id                           1 
_refine.pdbx_TLS_residual_ADP_flag               ? 
_refine.pdbx_overall_phase_error                 ? 
_refine.pdbx_overall_SU_R_free_Cruickshank_DPI   ? 
_refine.pdbx_overall_SU_R_Blow_DPI               ? 
_refine.pdbx_overall_SU_R_free_Blow_DPI          ? 
# 
_refine_analyze.entry_id                        1JQ0 
_refine_analyze.Luzzati_coordinate_error_obs    0.19 
_refine_analyze.Luzzati_sigma_a_obs             0.05 
_refine_analyze.Luzzati_d_res_low_obs           5.00 
_refine_analyze.Luzzati_coordinate_error_free   0.25 
_refine_analyze.Luzzati_sigma_a_free            0.13 
_refine_analyze.Luzzati_d_res_low_free          ? 
_refine_analyze.number_disordered_residues      ? 
_refine_analyze.occupancy_sum_hydrogen          ? 
_refine_analyze.occupancy_sum_non_hydrogen      ? 
_refine_analyze.pdbx_Luzzati_d_res_high_obs     ? 
_refine_analyze.pdbx_refine_id                  'X-RAY DIFFRACTION' 
# 
_refine_hist.pdbx_refine_id                   'X-RAY DIFFRACTION' 
_refine_hist.cycle_id                         LAST 
_refine_hist.pdbx_number_atoms_protein        577 
_refine_hist.pdbx_number_atoms_nucleic_acid   0 
_refine_hist.pdbx_number_atoms_ligand         0 
_refine_hist.number_atoms_solvent             47 
_refine_hist.number_atoms_total               624 
_refine_hist.d_res_high                       1.70 
_refine_hist.d_res_low                        36.92 
# 
loop_
_refine_ls_restr.type 
_refine_ls_restr.dev_ideal 
_refine_ls_restr.dev_ideal_target 
_refine_ls_restr.weight 
_refine_ls_restr.number 
_refine_ls_restr.pdbx_refine_id 
_refine_ls_restr.pdbx_restraint_function 
c_bond_d           0.006 ?    ? ? 'X-RAY DIFFRACTION' ? 
c_angle_deg        0.9   ?    ? ? 'X-RAY DIFFRACTION' ? 
c_dihedral_angle_d 13.6  ?    ? ? 'X-RAY DIFFRACTION' ? 
c_improper_angle_d 0.63  ?    ? ? 'X-RAY DIFFRACTION' ? 
c_mcbond_it        1.63  1.50 ? ? 'X-RAY DIFFRACTION' ? 
c_mcangle_it       2.19  2.00 ? ? 'X-RAY DIFFRACTION' ? 
c_scbond_it        3.51  2.00 ? ? 'X-RAY DIFFRACTION' ? 
c_scangle_it       5.25  2.50 ? ? 'X-RAY DIFFRACTION' ? 
# 
_refine_ls_shell.pdbx_total_number_of_bins_used   11 
_refine_ls_shell.d_res_high                       1.70 
_refine_ls_shell.d_res_low                        1.75 
_refine_ls_shell.number_reflns_R_work             630 
_refine_ls_shell.R_factor_R_work                  0.2070000 
_refine_ls_shell.percent_reflns_obs               99.3 
_refine_ls_shell.R_factor_R_free                  0.2290000 
_refine_ls_shell.R_factor_R_free_error            0.030 
_refine_ls_shell.percent_reflns_R_free            8.6 
_refine_ls_shell.number_reflns_R_free             59 
_refine_ls_shell.number_reflns_obs                689 
_refine_ls_shell.redundancy_reflns_obs            ? 
_refine_ls_shell.number_reflns_all                ? 
_refine_ls_shell.pdbx_refine_id                   'X-RAY DIFFRACTION' 
_refine_ls_shell.R_factor_all                     ? 
# 
loop_
_pdbx_xplor_file.serial_no 
_pdbx_xplor_file.param_file 
_pdbx_xplor_file.topol_file 
_pdbx_xplor_file.pdbx_refine_id 
1 PROTEIN_REP.PARAM PROTEIN.TOP 'X-RAY DIFFRACTION' 
2 WATER_REP.PARAM   WATER.TOP   'X-RAY DIFFRACTION' 
# 
_struct.entry_id                  1JQ0 
_struct.title                     
;Mutation that destabilize the gp41 core: determinants for stabilizing the SIV/CPmac envelope glycoprotein complex. Mutant structure.
;
_struct.pdbx_model_details        ? 
_struct.pdbx_CASP_flag            ? 
_struct.pdbx_model_type_details   ? 
# 
_struct_keywords.entry_id        1JQ0 
_struct_keywords.pdbx_keywords   'VIRAL PROTEIN' 
_struct_keywords.text            'GP41, SIV, HIV-1, MEMBRANE FUSION, SIX-HELIX BUNDLE, TRIMER-of-HAIRPINS, Viral protein' 
# 
loop_
_struct_asym.id 
_struct_asym.pdbx_blank_PDB_chainid_flag 
_struct_asym.pdbx_modified 
_struct_asym.entity_id 
_struct_asym.details 
A N N 1 ? 
B N N 2 ? 
# 
_struct_biol.id                    1 
_struct_biol.details               
;The biological assembly is a trimer generated from the monomer by the three 
fold axis.
;
_struct_biol.pdbx_parent_biol_id   ? 
# 
loop_
_struct_conf.conf_type_id 
_struct_conf.id 
_struct_conf.pdbx_PDB_helix_id 
_struct_conf.beg_label_comp_id 
_struct_conf.beg_label_asym_id 
_struct_conf.beg_label_seq_id 
_struct_conf.pdbx_beg_PDB_ins_code 
_struct_conf.end_label_comp_id 
_struct_conf.end_label_asym_id 
_struct_conf.end_label_seq_id 
_struct_conf.pdbx_end_PDB_ins_code 
_struct_conf.beg_auth_comp_id 
_struct_conf.beg_auth_asym_id 
_struct_conf.beg_auth_seq_id 
_struct_conf.end_auth_comp_id 
_struct_conf.end_auth_asym_id 
_struct_conf.end_auth_seq_id 
_struct_conf.pdbx_PDB_helix_class 
_struct_conf.details 
_struct_conf.pdbx_PDB_helix_length 
HELX_P HELX_P1 1 LEU A 4  ? THR A 37 ? LEU A 4  THR A 37 1 ? 34 
HELX_P HELX_P2 2 GLY A 46 ? LYS A 81 ? GLY A 46 LYS A 81 1 ? 36 
# 
_struct_conf_type.id          HELX_P 
_struct_conf_type.criteria    ? 
_struct_conf_type.reference   ? 
# 
_atom_sites.entry_id                    1JQ0 
_atom_sites.fract_transf_matrix[1][1]   0.00737366 
_atom_sites.fract_transf_matrix[1][2]   -0.00427717 
_atom_sites.fract_transf_matrix[1][3]   0.02203338 
_atom_sites.fract_transf_matrix[2][1]   -0.00067272 
_atom_sites.fract_transf_matrix[2][2]   0.01716207 
_atom_sites.fract_transf_matrix[2][3]   0.01622194 
_atom_sites.fract_transf_matrix[3][1]   -0.00613186 
_atom_sites.fract_transf_matrix[3][2]   -0.00184203 
_atom_sites.fract_transf_matrix[3][3]   0.00169450 
_atom_sites.fract_transf_vector[1]      1.146795 
_atom_sites.fract_transf_vector[2]      1.160141 
_atom_sites.fract_transf_vector[3]      0.208136 
# 
loop_
_atom_type.symbol 
C 
N 
O 
S 
# 
loop_
_atom_site.group_PDB 
_atom_site.id 
_atom_site.type_symbol 
_atom_site.label_atom_id 
_atom_site.label_alt_id 
_atom_site.label_comp_id 
_atom_site.label_asym_id 
_atom_site.label_entity_id 
_atom_site.label_seq_id 
_atom_site.pdbx_PDB_ins_code 
_atom_site.Cartn_x 
_atom_site.Cartn_y 
_atom_site.Cartn_z 
_atom_site.occupancy 
_atom_site.B_iso_or_equiv 
_atom_site.pdbx_formal_charge 
_atom_site.auth_seq_id 
_atom_site.auth_comp_id 
_atom_site.auth_asym_id 
_atom_site.auth_atom_id 
_atom_site.pdbx_PDB_model_num 
ATOM   1   N N   . LEU A 1 4  ? -21.024 -14.456 1.316   1.00 29.47 ? 4   LEU A N   1 
ATOM   2   C CA  . LEU A 1 4  ? -20.176 -13.225 1.428   1.00 23.35 ? 4   LEU A CA  1 
ATOM   3   C C   . LEU A 1 4  ? -18.807 -13.500 2.051   1.00 21.78 ? 4   LEU A C   1 
ATOM   4   O O   . LEU A 1 4  ? -17.881 -12.702 1.900   1.00 20.32 ? 4   LEU A O   1 
ATOM   5   C CB  . LEU A 1 4  ? -20.890 -12.147 2.256   1.00 23.62 ? 4   LEU A CB  1 
ATOM   6   C CG  . LEU A 1 4  ? -22.213 -11.536 1.780   1.00 26.37 ? 4   LEU A CG  1 
ATOM   7   C CD1 . LEU A 1 4  ? -22.520 -10.327 2.647   1.00 29.06 ? 4   LEU A CD1 1 
ATOM   8   C CD2 . LEU A 1 4  ? -22.130 -11.114 0.329   1.00 29.82 ? 4   LEU A CD2 1 
ATOM   9   N N   . ALA A 1 5  ? -18.669 -14.616 2.757   1.00 20.57 ? 5   ALA A N   1 
ATOM   10  C CA  . ALA A 1 5  ? -17.378 -14.940 3.364   1.00 21.47 ? 5   ALA A CA  1 
ATOM   11  C C   . ALA A 1 5  ? -16.278 -15.023 2.302   1.00 20.88 ? 5   ALA A C   1 
ATOM   12  O O   . ALA A 1 5  ? -15.163 -14.559 2.525   1.00 20.30 ? 5   ALA A O   1 
ATOM   13  C CB  . ALA A 1 5  ? -17.462 -16.256 4.141   1.00 22.65 ? 5   ALA A CB  1 
ATOM   14  N N   . GLY A 1 6  ? -16.597 -15.610 1.150   1.00 20.32 ? 6   GLY A N   1 
ATOM   15  C CA  . GLY A 1 6  ? -15.617 -15.736 0.084   1.00 17.97 ? 6   GLY A CA  1 
ATOM   16  C C   . GLY A 1 6  ? -15.221 -14.391 -0.501  1.00 19.52 ? 6   GLY A C   1 
ATOM   17  O O   . GLY A 1 6  ? -14.064 -14.172 -0.859  1.00 18.60 ? 6   GLY A O   1 
ATOM   18  N N   . ILE A 1 7  ? -16.188 -13.490 -0.614  1.00 16.44 ? 7   ILE A N   1 
ATOM   19  C CA  . ILE A 1 7  ? -15.931 -12.156 -1.140  1.00 18.81 ? 7   ILE A CA  1 
ATOM   20  C C   . ILE A 1 7  ? -15.050 -11.400 -0.148  1.00 18.50 ? 7   ILE A C   1 
ATOM   21  O O   . ILE A 1 7  ? -14.080 -10.764 -0.541  1.00 17.95 ? 7   ILE A O   1 
ATOM   22  C CB  . ILE A 1 7  ? -17.252 -11.392 -1.368  1.00 20.62 ? 7   ILE A CB  1 
ATOM   23  C CG1 . ILE A 1 7  ? -17.977 -11.996 -2.579  1.00 24.86 ? 7   ILE A CG1 1 
ATOM   24  C CG2 . ILE A 1 7  ? -16.981 -9.896  -1.573  1.00 22.94 ? 7   ILE A CG2 1 
ATOM   25  C CD1 . ILE A 1 7  ? -19.398 -11.489 -2.782  1.00 29.12 ? 7   ILE A CD1 1 
ATOM   26  N N   . VAL A 1 8  ? -15.383 -11.478 1.138   1.00 16.97 ? 8   VAL A N   1 
ATOM   27  C CA  . VAL A 1 8  ? -14.575 -10.793 2.153   1.00 15.97 ? 8   VAL A CA  1 
ATOM   28  C C   . VAL A 1 8  ? -13.155 -11.373 2.190   1.00 17.16 ? 8   VAL A C   1 
ATOM   29  O O   . VAL A 1 8  ? -12.184 -10.633 2.359   1.00 15.97 ? 8   VAL A O   1 
ATOM   30  C CB  . VAL A 1 8  ? -15.230 -10.904 3.554   1.00 16.46 ? 8   VAL A CB  1 
ATOM   31  C CG1 . VAL A 1 8  ? -14.266 -10.421 4.634   1.00 16.18 ? 8   VAL A CG1 1 
ATOM   32  C CG2 . VAL A 1 8  ? -16.496 -10.058 3.590   1.00 19.14 ? 8   VAL A CG2 1 
ATOM   33  N N   . GLN A 1 9  ? -13.035 -12.690 2.021   1.00 16.54 ? 9   GLN A N   1 
ATOM   34  C CA  . GLN A 1 9  ? -11.726 -13.343 2.012   1.00 17.49 ? 9   GLN A CA  1 
ATOM   35  C C   . GLN A 1 9  ? -10.930 -12.874 0.793   1.00 16.73 ? 9   GLN A C   1 
ATOM   36  O O   . GLN A 1 9  ? -9.726  -12.663 0.879   1.00 17.10 ? 9   GLN A O   1 
ATOM   37  C CB  . GLN A 1 9  ? -11.878 -14.874 1.978   1.00 19.61 ? 9   GLN A CB  1 
ATOM   38  C CG  . GLN A 1 9  ? -10.547 -15.612 1.813   1.00 27.15 ? 9   GLN A CG  1 
ATOM   39  C CD  . GLN A 1 9  ? -9.558  -15.280 2.919   1.00 33.22 ? 9   GLN A CD  1 
ATOM   40  O OE1 . GLN A 1 9  ? -8.347  -15.412 2.746   1.00 38.64 ? 9   GLN A OE1 1 
ATOM   41  N NE2 . GLN A 1 9  ? -10.074 -14.850 4.067   1.00 35.20 ? 9   GLN A NE2 1 
ATOM   42  N N   . GLN A 1 10 ? -11.610 -12.693 -0.334  1.00 17.25 ? 10  GLN A N   1 
ATOM   43  C CA  . GLN A 1 10 ? -10.934 -12.233 -1.536  1.00 17.53 ? 10  GLN A CA  1 
ATOM   44  C C   . GLN A 1 10 ? -10.439 -10.805 -1.321  1.00 16.14 ? 10  GLN A C   1 
ATOM   45  O O   . GLN A 1 10 ? -9.385  -10.436 -1.827  1.00 19.35 ? 10  GLN A O   1 
ATOM   46  C CB  . GLN A 1 10 ? -11.876 -12.304 -2.743  1.00 18.83 ? 10  GLN A CB  1 
ATOM   47  C CG  . GLN A 1 10 ? -11.270 -11.827 -4.066  1.00 24.47 ? 10  GLN A CG  1 
ATOM   48  C CD  . GLN A 1 10 ? -10.212 -12.759 -4.599  1.00 24.72 ? 10  GLN A CD  1 
ATOM   49  O OE1 . GLN A 1 10 ? -9.357  -13.233 -3.851  1.00 27.27 ? 10  GLN A OE1 1 
ATOM   50  N NE2 . GLN A 1 10 ? -10.252 -13.023 -5.908  1.00 22.63 ? 10  GLN A NE2 1 
ATOM   51  N N   . GLN A 1 11 ? -11.179 -9.999  -0.570  1.00 15.79 ? 11  GLN A N   1 
ATOM   52  C CA  . GLN A 1 11 ? -10.715 -8.636  -0.324  1.00 14.35 ? 11  GLN A CA  1 
ATOM   53  C C   . GLN A 1 11 ? -9.455  -8.673  0.527   1.00 14.76 ? 11  GLN A C   1 
ATOM   54  O O   . GLN A 1 11 ? -8.565  -7.856  0.345   1.00 15.16 ? 11  GLN A O   1 
ATOM   55  C CB  . GLN A 1 11 ? -11.812 -7.799  0.339   1.00 16.13 ? 11  GLN A CB  1 
ATOM   56  C CG  . GLN A 1 11 ? -12.997 -7.638  -0.601  1.00 19.82 ? 11  GLN A CG  1 
ATOM   57  C CD  . GLN A 1 11 ? -13.982 -6.600  -0.140  1.00 24.56 ? 11  GLN A CD  1 
ATOM   58  O OE1 . GLN A 1 11 ? -14.564 -6.716  0.932   1.00 24.18 ? 11  GLN A OE1 1 
ATOM   59  N NE2 . GLN A 1 11 ? -14.183 -5.575  -0.959  1.00 28.34 ? 11  GLN A NE2 1 
ATOM   60  N N   . GLN A 1 12 ? -9.375  -9.618  1.461   1.00 14.98 ? 12  GLN A N   1 
ATOM   61  C CA  . GLN A 1 12 ? -8.169  -9.750  2.274   1.00 15.80 ? 12  GLN A CA  1 
ATOM   62  C C   . GLN A 1 12 ? -6.992  -10.155 1.371   1.00 17.07 ? 12  GLN A C   1 
ATOM   63  O O   . GLN A 1 12 ? -5.880  -9.660  1.534   1.00 15.50 ? 12  GLN A O   1 
ATOM   64  C CB  . GLN A 1 12 ? -8.355  -10.823 3.353   1.00 16.13 ? 12  GLN A CB  1 
ATOM   65  C CG  . GLN A 1 12 ? -7.092  -11.103 4.164   1.00 18.58 ? 12  GLN A CG  1 
ATOM   66  C CD  . GLN A 1 12 ? -6.660  -9.914  4.999   1.00 20.30 ? 12  GLN A CD  1 
ATOM   67  O OE1 . GLN A 1 12 ? -7.454  -9.359  5.763   1.00 22.60 ? 12  GLN A OE1 1 
ATOM   68  N NE2 . GLN A 1 12 ? -5.393  -9.523  4.877   1.00 22.79 ? 12  GLN A NE2 1 
ATOM   69  N N   . GLN A 1 13 ? -7.240  -11.047 0.414   1.00 14.88 ? 13  GLN A N   1 
ATOM   70  C CA  . GLN A 1 13 ? -6.172  -11.484 -0.480  1.00 15.74 ? 13  GLN A CA  1 
ATOM   71  C C   . GLN A 1 13 ? -5.688  -10.334 -1.352  1.00 15.05 ? 13  GLN A C   1 
ATOM   72  O O   . GLN A 1 13 ? -4.489  -10.206 -1.604  1.00 17.03 ? 13  GLN A O   1 
ATOM   73  C CB  . GLN A 1 13 ? -6.642  -12.655 -1.348  1.00 17.89 ? 13  GLN A CB  1 
ATOM   74  C CG  . GLN A 1 13 ? -6.783  -13.946 -0.559  1.00 21.82 ? 13  GLN A CG  1 
ATOM   75  C CD  . GLN A 1 13 ? -7.471  -15.056 -1.341  1.00 30.49 ? 13  GLN A CD  1 
ATOM   76  O OE1 . GLN A 1 13 ? -7.760  -16.119 -0.795  1.00 36.47 ? 13  GLN A OE1 1 
ATOM   77  N NE2 . GLN A 1 13 ? -7.741  -14.810 -2.618  1.00 36.25 ? 13  GLN A NE2 1 
ATOM   78  N N   . LEU A 1 14 ? -6.611  -9.489  -1.802  1.00 15.49 ? 14  LEU A N   1 
ATOM   79  C CA  . LEU A 1 14 ? -6.214  -8.347  -2.630  1.00 13.80 ? 14  LEU A CA  1 
ATOM   80  C C   . LEU A 1 14 ? -5.455  -7.345  -1.769  1.00 14.77 ? 14  LEU A C   1 
ATOM   81  O O   . LEU A 1 14 ? -4.490  -6.739  -2.217  1.00 15.32 ? 14  LEU A O   1 
ATOM   82  C CB  . LEU A 1 14 ? -7.448  -7.692  -3.269  1.00 12.40 ? 14  LEU A CB  1 
ATOM   83  C CG  . LEU A 1 14 ? -8.130  -8.587  -4.308  1.00 14.94 ? 14  LEU A CG  1 
ATOM   84  C CD1 . LEU A 1 14 ? -9.510  -8.064  -4.691  1.00 19.65 ? 14  LEU A CD1 1 
ATOM   85  C CD2 . LEU A 1 14 ? -7.219  -8.672  -5.530  1.00 18.84 ? 14  LEU A CD2 1 
ATOM   86  N N   . LEU A 1 15 ? -5.889  -7.168  -0.523  1.00 14.65 ? 15  LEU A N   1 
ATOM   87  C CA  . LEU A 1 15 ? -5.205  -6.239  0.358   1.00 14.42 ? 15  LEU A CA  1 
ATOM   88  C C   . LEU A 1 15 ? -3.784  -6.727  0.608   1.00 15.46 ? 15  LEU A C   1 
ATOM   89  O O   . LEU A 1 15 ? -2.833  -5.947  0.622   1.00 16.48 ? 15  LEU A O   1 
ATOM   90  C CB  . LEU A 1 15 ? -5.957  -6.111  1.685   1.00 14.98 ? 15  LEU A CB  1 
ATOM   91  C CG  . LEU A 1 15 ? -5.314  -5.171  2.716   1.00 18.65 ? 15  LEU A CG  1 
ATOM   92  C CD1 . LEU A 1 15 ? -5.046  -3.803  2.092   1.00 19.09 ? 15  LEU A CD1 1 
ATOM   93  C CD2 . LEU A 1 15 ? -6.237  -5.026  3.908   1.00 18.82 ? 15  LEU A CD2 1 
ATOM   94  N N   . ASP A 1 16 ? -3.635  -8.033  0.801   1.00 16.39 ? 16  ASP A N   1 
ATOM   95  C CA  . ASP A 1 16 ? -2.309  -8.582  1.022   1.00 16.84 ? 16  ASP A CA  1 
ATOM   96  C C   . ASP A 1 16 ? -1.447  -8.393  -0.225  1.00 16.71 ? 16  ASP A C   1 
ATOM   97  O O   . ASP A 1 16 ? -0.254  -8.093  -0.122  1.00 18.08 ? 16  ASP A O   1 
ATOM   98  C CB  . ASP A 1 16 ? -2.414  -10.062 1.398   1.00 18.08 ? 16  ASP A CB  1 
ATOM   99  C CG  . ASP A 1 16 ? -2.698  -10.263 2.875   1.00 23.06 ? 16  ASP A CG  1 
ATOM   100 O OD1 . ASP A 1 16 ? -3.438  -11.210 3.219   1.00 27.30 ? 16  ASP A OD1 1 
ATOM   101 O OD2 . ASP A 1 16 ? -2.162  -9.482  3.699   1.00 29.64 ? 16  ASP A OD2 1 
ATOM   102 N N   . LEU A 1 17 ? -2.046  -8.545  -1.406  1.00 15.74 ? 17  LEU A N   1 
ATOM   103 C CA  . LEU A 1 17 ? -1.295  -8.360  -2.645  1.00 14.34 ? 17  LEU A CA  1 
ATOM   104 C C   . LEU A 1 17 ? -0.825  -6.914  -2.774  1.00 16.07 ? 17  LEU A C   1 
ATOM   105 O O   . LEU A 1 17 ? 0.331   -6.650  -3.098  1.00 16.36 ? 17  LEU A O   1 
ATOM   106 C CB  . LEU A 1 17 ? -2.157  -8.733  -3.858  1.00 15.24 ? 17  LEU A CB  1 
ATOM   107 C CG  . LEU A 1 17 ? -2.184  -10.229 -4.192  1.00 15.05 ? 17  LEU A CG  1 
ATOM   108 C CD1 . LEU A 1 17 ? -3.446  -10.569 -4.983  1.00 17.20 ? 17  LEU A CD1 1 
ATOM   109 C CD2 . LEU A 1 17 ? -0.916  -10.599 -4.997  1.00 15.14 ? 17  LEU A CD2 1 
ATOM   110 N N   . VAL A 1 18 ? -1.715  -5.964  -2.513  1.00 13.82 ? 18  VAL A N   1 
ATOM   111 C CA  . VAL A 1 18 ? -1.320  -4.561  -2.641  1.00 15.62 ? 18  VAL A CA  1 
ATOM   112 C C   . VAL A 1 18 ? -0.273  -4.190  -1.606  1.00 15.68 ? 18  VAL A C   1 
ATOM   113 O O   . VAL A 1 18 ? 0.615   -3.386  -1.872  1.00 16.40 ? 18  VAL A O   1 
ATOM   114 C CB  . VAL A 1 18 ? -2.533  -3.631  -2.537  1.00 15.97 ? 18  VAL A CB  1 
ATOM   115 C CG1 . VAL A 1 18 ? -2.094  -2.182  -2.524  1.00 23.11 ? 18  VAL A CG1 1 
ATOM   116 C CG2 . VAL A 1 18 ? -3.422  -3.866  -3.745  1.00 19.84 ? 18  VAL A CG2 1 
ATOM   117 N N   . THR A 1 19 ? -0.370  -4.786  -0.424  1.00 15.96 ? 19  THR A N   1 
ATOM   118 C CA  . THR A 1 19 ? 0.599   -4.502  0.627   1.00 15.75 ? 19  THR A CA  1 
ATOM   119 C C   . THR A 1 19 ? 1.969   -5.010  0.198   1.00 17.32 ? 19  THR A C   1 
ATOM   120 O O   . THR A 1 19 ? 2.974   -4.304  0.338   1.00 15.89 ? 19  THR A O   1 
ATOM   121 C CB  . THR A 1 19 ? 0.205   -5.184  1.943   1.00 16.98 ? 19  THR A CB  1 
ATOM   122 O OG1 . THR A 1 19 ? -1.083  -4.709  2.357   1.00 15.86 ? 19  THR A OG1 1 
ATOM   123 C CG2 . THR A 1 19 ? 1.217   -4.861  3.034   1.00 19.22 ? 19  THR A CG2 1 
ATOM   124 N N   . ARG A 1 20 ? 2.005   -6.232  -0.330  1.00 15.71 ? 20  ARG A N   1 
ATOM   125 C CA  . ARG A 1 20 ? 3.272   -6.823  -0.767  1.00 15.74 ? 20  ARG A CA  1 
ATOM   126 C C   . ARG A 1 20 ? 3.843   -6.031  -1.944  1.00 14.98 ? 20  ARG A C   1 
ATOM   127 O O   . ARG A 1 20 ? 5.057   -5.835  -2.040  1.00 14.93 ? 20  ARG A O   1 
ATOM   128 C CB  . ARG A 1 20 ? 3.065   -8.274  -1.177  1.00 19.44 ? 20  ARG A CB  1 
ATOM   129 C CG  . ARG A 1 20 ? 4.034   -9.228  -0.552  1.00 31.20 ? 20  ARG A CG  1 
ATOM   130 C CD  . ARG A 1 20 ? 3.869   -9.271  0.948   1.00 30.41 ? 20  ARG A CD  1 
ATOM   131 N NE  . ARG A 1 20 ? 4.646   -10.358 1.526   1.00 38.54 ? 20  ARG A NE  1 
ATOM   132 N N   . GLN A 1 21 ? 2.974   -5.582  -2.845  1.00 13.91 ? 21  GLN A N   1 
ATOM   133 C CA  . GLN A 1 21 ? 3.451   -4.795  -3.979  1.00 15.45 ? 21  GLN A CA  1 
ATOM   134 C C   . GLN A 1 21 ? 4.006   -3.459  -3.502  1.00 14.77 ? 21  GLN A C   1 
ATOM   135 O O   . GLN A 1 21 ? 4.928   -2.925  -4.107  1.00 16.29 ? 21  GLN A O   1 
ATOM   136 C CB  . GLN A 1 21 ? 2.330   -4.589  -4.988  1.00 15.84 ? 21  GLN A CB  1 
ATOM   137 C CG  . GLN A 1 21 ? 2.088   -5.853  -5.780  1.00 16.73 ? 21  GLN A CG  1 
ATOM   138 C CD  . GLN A 1 21 ? 0.976   -5.708  -6.772  1.00 22.22 ? 21  GLN A CD  1 
ATOM   139 O OE1 . GLN A 1 21 ? -0.021  -5.056  -6.495  1.00 24.43 ? 21  GLN A OE1 1 
ATOM   140 N NE2 . GLN A 1 21 ? 1.129   -6.333  -7.932  1.00 23.78 ? 21  GLN A NE2 1 
ATOM   141 N N   . GLN A 1 22 ? 3.456   -2.914  -2.419  1.00 14.05 ? 22  GLN A N   1 
ATOM   142 C CA  . GLN A 1 22 ? 3.972   -1.650  -1.912  1.00 14.71 ? 22  GLN A CA  1 
ATOM   143 C C   . GLN A 1 22 ? 5.373   -1.885  -1.350  1.00 16.08 ? 22  GLN A C   1 
ATOM   144 O O   . GLN A 1 22 ? 6.253   -1.041  -1.493  1.00 16.63 ? 22  GLN A O   1 
ATOM   145 C CB  . GLN A 1 22 ? 3.055   -1.064  -0.831  1.00 15.77 ? 22  GLN A CB  1 
ATOM   146 C CG  . GLN A 1 22 ? 3.460   0.348   -0.396  1.00 19.37 ? 22  GLN A CG  1 
ATOM   147 C CD  . GLN A 1 22 ? 3.509   1.322   -1.564  1.00 20.34 ? 22  GLN A CD  1 
ATOM   148 O OE1 . GLN A 1 22 ? 2.860   1.115   -2.578  1.00 18.78 ? 22  GLN A OE1 1 
ATOM   149 N NE2 . GLN A 1 22 ? 4.259   2.399   -1.404  1.00 24.38 ? 22  GLN A NE2 1 
ATOM   150 N N   . GLU A 1 23 ? 5.577   -3.038  -0.719  1.00 15.97 ? 23  GLU A N   1 
ATOM   151 C CA  . GLU A 1 23 ? 6.893   -3.352  -0.172  1.00 16.43 ? 23  GLU A CA  1 
ATOM   152 C C   . GLU A 1 23 ? 7.893   -3.423  -1.321  1.00 16.42 ? 23  GLU A C   1 
ATOM   153 O O   . GLU A 1 23 ? 9.017   -2.932  -1.212  1.00 19.10 ? 23  GLU A O   1 
ATOM   154 C CB  . GLU A 1 23 ? 6.855   -4.691  0.555   1.00 17.91 ? 23  GLU A CB  1 
ATOM   155 C CG  . GLU A 1 23 ? 6.019   -4.673  1.813   1.00 26.91 ? 23  GLU A CG  1 
ATOM   156 C CD  . GLU A 1 23 ? 6.039   -6.013  2.516   1.00 32.91 ? 23  GLU A CD  1 
ATOM   157 O OE1 . GLU A 1 23 ? 7.142   -6.480  2.876   1.00 41.01 ? 23  GLU A OE1 1 
ATOM   158 O OE2 . GLU A 1 23 ? 4.959   -6.600  2.702   1.00 36.74 ? 23  GLU A OE2 1 
ATOM   159 N N   . LEU A 1 24 ? 7.482   -4.036  -2.424  1.00 17.47 ? 24  LEU A N   1 
ATOM   160 C CA  . LEU A 1 24 ? 8.369   -4.145  -3.578  1.00 16.14 ? 24  LEU A CA  1 
ATOM   161 C C   . LEU A 1 24 ? 8.596   -2.760  -4.202  1.00 17.13 ? 24  LEU A C   1 
ATOM   162 O O   . LEU A 1 24 ? 9.710   -2.429  -4.605  1.00 15.22 ? 24  LEU A O   1 
ATOM   163 C CB  . LEU A 1 24 ? 7.780   -5.126  -4.594  1.00 16.85 ? 24  LEU A CB  1 
ATOM   164 C CG  . LEU A 1 24 ? 8.631   -5.462  -5.826  1.00 16.65 ? 24  LEU A CG  1 
ATOM   165 C CD1 . LEU A 1 24 ? 10.071  -5.765  -5.436  1.00 18.53 ? 24  LEU A CD1 1 
ATOM   166 C CD2 . LEU A 1 24 ? 8.003   -6.642  -6.524  1.00 17.98 ? 24  LEU A CD2 1 
ATOM   167 N N   . LEU A 1 25 ? 7.546   -1.944  -4.263  1.00 16.51 ? 25  LEU A N   1 
ATOM   168 C CA  . LEU A 1 25 ? 7.680   -0.589  -4.805  1.00 18.83 ? 25  LEU A CA  1 
ATOM   169 C C   . LEU A 1 25 ? 8.660   0.228   -3.967  1.00 19.36 ? 25  LEU A C   1 
ATOM   170 O O   . LEU A 1 25 ? 9.475   0.974   -4.511  1.00 20.03 ? 25  LEU A O   1 
ATOM   171 C CB  . LEU A 1 25 ? 6.318   0.113   -4.836  1.00 16.86 ? 25  LEU A CB  1 
ATOM   172 C CG  . LEU A 1 25 ? 5.519   -0.162  -6.099  1.00 21.83 ? 25  LEU A CG  1 
ATOM   173 C CD1 . LEU A 1 25 ? 4.117   0.400   -5.973  1.00 20.91 ? 25  LEU A CD1 1 
ATOM   174 C CD2 . LEU A 1 25 ? 6.245   0.474   -7.281  1.00 21.50 ? 25  LEU A CD2 1 
ATOM   175 N N   . ARG A 1 26 ? 8.582   0.098   -2.645  1.00 17.46 ? 26  ARG A N   1 
ATOM   176 C CA  . ARG A 1 26 ? 9.491   0.823   -1.765  1.00 17.29 ? 26  ARG A CA  1 
ATOM   177 C C   . ARG A 1 26 ? 10.935  0.453   -2.095  1.00 19.00 ? 26  ARG A C   1 
ATOM   178 O O   . ARG A 1 26 ? 11.821  1.311   -2.074  1.00 19.27 ? 26  ARG A O   1 
ATOM   179 C CB  . ARG A 1 26 ? 9.199   0.496   -0.300  1.00 19.73 ? 26  ARG A CB  1 
ATOM   180 C CG  . ARG A 1 26 ? 7.872   1.047   0.206   1.00 27.63 ? 26  ARG A CG  1 
ATOM   181 C CD  . ARG A 1 26 ? 7.454   0.359   1.502   1.00 33.04 ? 26  ARG A CD  1 
ATOM   182 N NE  . ARG A 1 26 ? 6.235   0.936   2.067   1.00 33.64 ? 26  ARG A NE  1 
ATOM   183 C CZ  . ARG A 1 26 ? 5.389   0.276   2.854   1.00 35.55 ? 26  ARG A CZ  1 
ATOM   184 N NH1 . ARG A 1 26 ? 4.303   0.881   3.322   1.00 33.77 ? 26  ARG A NH1 1 
ATOM   185 N NH2 . ARG A 1 26 ? 5.621   -0.997  3.158   1.00 36.75 ? 26  ARG A NH2 1 
ATOM   186 N N   . LEU A 1 27 ? 11.167  -0.818  -2.409  1.00 17.18 ? 27  LEU A N   1 
ATOM   187 C CA  . LEU A 1 27 ? 12.510  -1.286  -2.741  1.00 16.93 ? 27  LEU A CA  1 
ATOM   188 C C   . LEU A 1 27 ? 12.974  -0.759  -4.085  1.00 17.02 ? 27  LEU A C   1 
ATOM   189 O O   . LEU A 1 27 ? 14.152  -0.431  -4.255  1.00 16.78 ? 27  LEU A O   1 
ATOM   190 C CB  . LEU A 1 27 ? 12.567  -2.819  -2.740  1.00 19.84 ? 27  LEU A CB  1 
ATOM   191 C CG  . LEU A 1 27 ? 12.452  -3.423  -1.337  1.00 22.00 ? 27  LEU A CG  1 
ATOM   192 C CD1 . LEU A 1 27 ? 12.188  -4.919  -1.429  1.00 22.77 ? 27  LEU A CD1 1 
ATOM   193 C CD2 . LEU A 1 27 ? 13.731  -3.134  -0.550  1.00 24.51 ? 27  LEU A CD2 1 
ATOM   194 N N   . THR A 1 28 ? 12.067  -0.683  -5.052  1.00 16.91 ? 28  THR A N   1 
ATOM   195 C CA  . THR A 1 28 ? 12.472  -0.160  -6.348  1.00 15.69 ? 28  THR A CA  1 
ATOM   196 C C   . THR A 1 28 ? 12.776  1.330   -6.212  1.00 17.01 ? 28  THR A C   1 
ATOM   197 O O   . THR A 1 28 ? 13.690  1.835   -6.858  1.00 17.51 ? 28  THR A O   1 
ATOM   198 C CB  . THR A 1 28 ? 11.415  -0.390  -7.451  1.00 16.97 ? 28  THR A CB  1 
ATOM   199 O OG1 . THR A 1 28 ? 10.193  0.273   -7.118  1.00 19.26 ? 28  THR A OG1 1 
ATOM   200 C CG2 . THR A 1 28 ? 11.172  -1.885  -7.648  1.00 15.32 ? 28  THR A CG2 1 
ATOM   201 N N   . VAL A 1 29 ? 12.030  2.037   -5.367  1.00 16.28 ? 29  VAL A N   1 
ATOM   202 C CA  . VAL A 1 29 ? 12.310  3.460   -5.173  1.00 16.82 ? 29  VAL A CA  1 
ATOM   203 C C   . VAL A 1 29 ? 13.689  3.605   -4.517  1.00 15.45 ? 29  VAL A C   1 
ATOM   204 O O   . VAL A 1 29 ? 14.476  4.478   -4.878  1.00 15.24 ? 29  VAL A O   1 
ATOM   205 C CB  . VAL A 1 29 ? 11.257  4.129   -4.268  1.00 16.25 ? 29  VAL A CB  1 
ATOM   206 C CG1 . VAL A 1 29 ? 11.730  5.523   -3.851  1.00 19.27 ? 29  VAL A CG1 1 
ATOM   207 C CG2 . VAL A 1 29 ? 9.938   4.224   -5.018  1.00 19.77 ? 29  VAL A CG2 1 
ATOM   208 N N   . TRP A 1 30 ? 13.974  2.749   -3.544  1.00 17.24 ? 30  TRP A N   1 
ATOM   209 C CA  . TRP A 1 30 ? 15.278  2.786   -2.878  1.00 16.44 ? 30  TRP A CA  1 
ATOM   210 C C   . TRP A 1 30 ? 16.392  2.541   -3.907  1.00 16.77 ? 30  TRP A C   1 
ATOM   211 O O   . TRP A 1 30 ? 17.429  3.209   -3.899  1.00 16.87 ? 30  TRP A O   1 
ATOM   212 C CB  . TRP A 1 30 ? 15.340  1.699   -1.805  1.00 18.75 ? 30  TRP A CB  1 
ATOM   213 C CG  . TRP A 1 30 ? 16.658  1.639   -1.088  1.00 20.02 ? 30  TRP A CG  1 
ATOM   214 C CD1 . TRP A 1 30 ? 16.986  2.274   0.079   1.00 25.21 ? 30  TRP A CD1 1 
ATOM   215 C CD2 . TRP A 1 30 ? 17.823  0.898   -1.483  1.00 21.39 ? 30  TRP A CD2 1 
ATOM   216 N NE1 . TRP A 1 30 ? 18.280  1.968   0.438   1.00 24.18 ? 30  TRP A NE1 1 
ATOM   217 C CE2 . TRP A 1 30 ? 18.816  1.127   -0.500  1.00 22.62 ? 30  TRP A CE2 1 
ATOM   218 C CE3 . TRP A 1 30 ? 18.124  0.065   -2.569  1.00 20.54 ? 30  TRP A CE3 1 
ATOM   219 C CZ2 . TRP A 1 30 ? 20.091  0.548   -0.570  1.00 23.94 ? 30  TRP A CZ2 1 
ATOM   220 C CZ3 . TRP A 1 30 ? 19.396  -0.513  -2.642  1.00 23.21 ? 30  TRP A CZ3 1 
ATOM   221 C CH2 . TRP A 1 30 ? 20.363  -0.265  -1.643  1.00 24.74 ? 30  TRP A CH2 1 
ATOM   222 N N   . GLY A 1 31 ? 16.167  1.570   -4.785  1.00 16.38 ? 31  GLY A N   1 
ATOM   223 C CA  . GLY A 1 31 ? 17.150  1.238   -5.805  1.00 14.74 ? 31  GLY A CA  1 
ATOM   224 C C   . GLY A 1 31 ? 17.417  2.400   -6.747  1.00 16.26 ? 31  GLY A C   1 
ATOM   225 O O   . GLY A 1 31 ? 18.561  2.687   -7.089  1.00 16.93 ? 31  GLY A O   1 
ATOM   226 N N   . ILE A 1 32 ? 16.356  3.083   -7.167  1.00 15.43 ? 32  ILE A N   1 
ATOM   227 C CA  . ILE A 1 32 ? 16.511  4.201   -8.087  1.00 15.59 ? 32  ILE A CA  1 
ATOM   228 C C   . ILE A 1 32 ? 17.240  5.342   -7.406  1.00 16.53 ? 32  ILE A C   1 
ATOM   229 O O   . ILE A 1 32 ? 18.110  5.975   -8.006  1.00 19.03 ? 32  ILE A O   1 
ATOM   230 C CB  . ILE A 1 32 ? 15.134  4.671   -8.623  1.00 15.80 ? 32  ILE A CB  1 
ATOM   231 C CG1 . ILE A 1 32 ? 14.593  3.616   -9.578  1.00 16.73 ? 32  ILE A CG1 1 
ATOM   232 C CG2 . ILE A 1 32 ? 15.258  6.005   -9.344  1.00 17.17 ? 32  ILE A CG2 1 
ATOM   233 C CD1 . ILE A 1 32 ? 13.130  3.823   -9.944  1.00 17.13 ? 32  ILE A CD1 1 
ATOM   234 N N   . LYS A 1 33 ? 16.890  5.602   -6.151  1.00 16.06 ? 33  LYS A N   1 
ATOM   235 C CA  . LYS A 1 33 ? 17.555  6.662   -5.412  1.00 18.04 ? 33  LYS A CA  1 
ATOM   236 C C   . LYS A 1 33 ? 19.029  6.337   -5.252  1.00 19.71 ? 33  LYS A C   1 
ATOM   237 O O   . LYS A 1 33 ? 19.867  7.227   -5.341  1.00 20.15 ? 33  LYS A O   1 
ATOM   238 C CB  . LYS A 1 33 ? 16.929  6.850   -4.034  1.00 20.10 ? 33  LYS A CB  1 
ATOM   239 C CG  . LYS A 1 33 ? 15.620  7.592   -4.057  1.00 20.23 ? 33  LYS A CG  1 
ATOM   240 C CD  . LYS A 1 33 ? 15.052  7.718   -2.656  1.00 23.05 ? 33  LYS A CD  1 
ATOM   241 C CE  . LYS A 1 33 ? 13.783  8.550   -2.664  1.00 27.03 ? 33  LYS A CE  1 
ATOM   242 N NZ  . LYS A 1 33 ? 13.109  8.581   -1.334  1.00 31.18 ? 33  LYS A NZ  1 
ATOM   243 N N   . ASN A 1 34 ? 19.350  5.066   -5.023  1.00 19.49 ? 34  ASN A N   1 
ATOM   244 C CA  . ASN A 1 34 ? 20.749  4.678   -4.841  1.00 21.99 ? 34  ASN A CA  1 
ATOM   245 C C   . ASN A 1 34 ? 21.559  4.821   -6.129  1.00 25.08 ? 34  ASN A C   1 
ATOM   246 O O   . ASN A 1 34 ? 22.739  5.202   -6.097  1.00 28.09 ? 34  ASN A O   1 
ATOM   247 C CB  . ASN A 1 34 ? 20.848  3.239   -4.310  1.00 22.64 ? 34  ASN A CB  1 
ATOM   248 C CG  . ASN A 1 34 ? 22.292  2.789   -4.096  1.00 33.89 ? 34  ASN A CG  1 
ATOM   249 O OD1 . ASN A 1 34 ? 23.050  2.600   -5.052  1.00 38.56 ? 34  ASN A OD1 1 
ATOM   250 N ND2 . ASN A 1 34 ? 22.679  2.627   -2.837  1.00 36.68 ? 34  ASN A ND2 1 
ATOM   251 N N   . LEU A 1 35 ? 20.927  4.536   -7.265  1.00 21.13 ? 35  LEU A N   1 
ATOM   252 C CA  . LEU A 1 35 ? 21.607  4.638   -8.554  1.00 20.02 ? 35  LEU A CA  1 
ATOM   253 C C   . LEU A 1 35 ? 21.736  6.082   -9.005  1.00 20.42 ? 35  LEU A C   1 
ATOM   254 O O   . LEU A 1 35 ? 22.723  6.455   -9.635  1.00 23.03 ? 35  LEU A O   1 
ATOM   255 C CB  . LEU A 1 35 ? 20.848  3.846   -9.622  1.00 20.13 ? 35  LEU A CB  1 
ATOM   256 C CG  . LEU A 1 35 ? 20.825  2.325   -9.428  1.00 21.08 ? 35  LEU A CG  1 
ATOM   257 C CD1 . LEU A 1 35 ? 19.905  1.691   -10.454 1.00 23.43 ? 35  LEU A CD1 1 
ATOM   258 C CD2 . LEU A 1 35 ? 22.238  1.768   -9.554  1.00 25.17 ? 35  LEU A CD2 1 
ATOM   259 N N   . GLN A 1 36 ? 20.732  6.895   -8.678  1.00 20.42 ? 36  GLN A N   1 
ATOM   260 C CA  . GLN A 1 36 ? 20.721  8.298   -9.067  1.00 23.44 ? 36  GLN A CA  1 
ATOM   261 C C   . GLN A 1 36 ? 21.895  9.061   -8.434  1.00 26.14 ? 36  GLN A C   1 
ATOM   262 O O   . GLN A 1 36 ? 22.446  9.983   -9.046  1.00 26.23 ? 36  GLN A O   1 
ATOM   263 C CB  . GLN A 1 36 ? 19.366  8.910   -8.693  1.00 22.12 ? 36  GLN A CB  1 
ATOM   264 C CG  . GLN A 1 36 ? 19.105  10.297  -9.256  1.00 25.76 ? 36  GLN A CG  1 
ATOM   265 C CD  . GLN A 1 36 ? 19.738  11.376  -8.419  1.00 28.50 ? 36  GLN A CD  1 
ATOM   266 O OE1 . GLN A 1 36 ? 19.794  11.260  -7.195  1.00 28.98 ? 36  GLN A OE1 1 
ATOM   267 N NE2 . GLN A 1 36 ? 20.209  12.442  -9.066  1.00 29.73 ? 36  GLN A NE2 1 
ATOM   268 N N   . THR A 1 37 ? 22.278  8.655   -7.222  1.00 28.21 ? 37  THR A N   1 
ATOM   269 C CA  . THR A 1 37 ? 23.420  9.234   -6.502  1.00 33.68 ? 37  THR A CA  1 
ATOM   270 C C   . THR A 1 37 ? 24.170  8.119   -5.766  1.00 35.71 ? 37  THR A C   1 
ATOM   271 O O   . THR A 1 37 ? 25.205  7.634   -6.232  1.00 38.18 ? 37  THR A O   1 
ATOM   272 C CB  . THR A 1 37 ? 23.005  10.275  -5.445  1.00 35.87 ? 37  THR A CB  1 
ATOM   273 O OG1 . THR A 1 37 ? 22.130  9.673   -4.479  1.00 39.47 ? 37  THR A OG1 1 
ATOM   274 C CG2 . THR A 1 37 ? 22.333  11.462  -6.098  1.00 37.88 ? 37  THR A CG2 1 
ATOM   275 N N   . GLY A 1 45 ? 18.503  18.620  -12.383 1.00 38.60 ? 45  GLY A N   1 
ATOM   276 C CA  . GLY A 1 45 ? 17.453  18.106  -13.239 1.00 35.97 ? 45  GLY A CA  1 
ATOM   277 C C   . GLY A 1 45 ? 16.112  18.101  -12.532 1.00 36.40 ? 45  GLY A C   1 
ATOM   278 O O   . GLY A 1 45 ? 15.858  18.937  -11.656 1.00 37.33 ? 45  GLY A O   1 
ATOM   279 N N   . GLY A 1 46 ? 15.259  17.149  -12.899 1.00 32.63 ? 46  GLY A N   1 
ATOM   280 C CA  . GLY A 1 46 ? 13.942  17.063  -12.294 1.00 29.85 ? 46  GLY A CA  1 
ATOM   281 C C   . GLY A 1 46 ? 13.840  16.038  -11.180 1.00 27.39 ? 46  GLY A C   1 
ATOM   282 O O   . GLY A 1 46 ? 12.741  15.629  -10.802 1.00 26.70 ? 46  GLY A O   1 
ATOM   283 N N   . TRP A 1 47 ? 14.981  15.619  -10.648 1.00 24.30 ? 47  TRP A N   1 
ATOM   284 C CA  . TRP A 1 47 ? 14.982  14.634  -9.573  1.00 20.90 ? 47  TRP A CA  1 
ATOM   285 C C   . TRP A 1 47 ? 14.489  15.159  -8.235  1.00 21.64 ? 47  TRP A C   1 
ATOM   286 O O   . TRP A 1 47 ? 13.937  14.400  -7.435  1.00 19.10 ? 47  TRP A O   1 
ATOM   287 C CB  . TRP A 1 47 ? 16.380  14.040  -9.406  1.00 21.06 ? 47  TRP A CB  1 
ATOM   288 C CG  . TRP A 1 47 ? 16.711  13.090  -10.508 1.00 21.39 ? 47  TRP A CG  1 
ATOM   289 C CD1 . TRP A 1 47 ? 17.452  13.343  -11.626 1.00 23.75 ? 47  TRP A CD1 1 
ATOM   290 C CD2 . TRP A 1 47 ? 16.267  11.738  -10.616 1.00 20.55 ? 47  TRP A CD2 1 
ATOM   291 N NE1 . TRP A 1 47 ? 17.494  12.222  -12.429 1.00 22.16 ? 47  TRP A NE1 1 
ATOM   292 C CE2 . TRP A 1 47 ? 16.773  11.225  -11.828 1.00 22.74 ? 47  TRP A CE2 1 
ATOM   293 C CE3 . TRP A 1 47 ? 15.482  10.908  -9.804  1.00 20.89 ? 47  TRP A CE3 1 
ATOM   294 C CZ2 . TRP A 1 47 ? 16.524  9.913   -12.249 1.00 21.39 ? 47  TRP A CZ2 1 
ATOM   295 C CZ3 . TRP A 1 47 ? 15.234  9.606   -10.222 1.00 20.07 ? 47  TRP A CZ3 1 
ATOM   296 C CH2 . TRP A 1 47 ? 15.754  9.125   -11.434 1.00 21.88 ? 47  TRP A CH2 1 
ATOM   297 N N   . GLN A 1 48 ? 14.698  16.449  -7.979  1.00 21.79 ? 48  GLN A N   1 
ATOM   298 C CA  . GLN A 1 48 ? 14.252  17.043  -6.729  1.00 24.50 ? 48  GLN A CA  1 
ATOM   299 C C   . GLN A 1 48 ? 12.740  16.895  -6.614  1.00 22.34 ? 48  GLN A C   1 
ATOM   300 O O   . GLN A 1 48 ? 12.213  16.485  -5.571  1.00 21.93 ? 48  GLN A O   1 
ATOM   301 C CB  . GLN A 1 48 ? 14.636  18.529  -6.690  1.00 27.89 ? 48  GLN A CB  1 
ATOM   302 C CG  . GLN A 1 48 ? 14.373  19.190  -5.356  1.00 33.07 ? 48  GLN A CG  1 
ATOM   303 N N   . GLU A 1 49 ? 12.033  17.225  -7.690  1.00 20.52 ? 49  GLU A N   1 
ATOM   304 C CA  . GLU A 1 49 ? 10.587  17.117  -7.672  1.00 20.77 ? 49  GLU A CA  1 
ATOM   305 C C   . GLU A 1 49 ? 10.136  15.670  -7.732  1.00 19.64 ? 49  GLU A C   1 
ATOM   306 O O   . GLU A 1 49 ? 9.091   15.327  -7.189  1.00 21.15 ? 49  GLU A O   1 
ATOM   307 C CB  . GLU A 1 49 ? 9.968   17.925  -8.816  1.00 21.16 ? 49  GLU A CB  1 
ATOM   308 C CG  . GLU A 1 49 ? 10.131  19.423  -8.626  1.00 26.72 ? 49  GLU A CG  1 
ATOM   309 C CD  . GLU A 1 49 ? 9.633   19.906  -7.267  1.00 29.86 ? 49  GLU A CD  1 
ATOM   310 O OE1 . GLU A 1 49 ? 10.361  20.676  -6.607  1.00 36.23 ? 49  GLU A OE1 1 
ATOM   311 O OE2 . GLU A 1 49 ? 8.520   19.525  -6.856  1.00 30.74 ? 49  GLU A OE2 1 
ATOM   312 N N   . TRP A 1 50 ? 10.919  14.822  -8.393  1.00 20.09 ? 50  TRP A N   1 
ATOM   313 C CA  . TRP A 1 50 ? 10.591  13.401  -8.470  1.00 18.56 ? 50  TRP A CA  1 
ATOM   314 C C   . TRP A 1 50 ? 10.538  12.872  -7.030  1.00 18.05 ? 50  TRP A C   1 
ATOM   315 O O   . TRP A 1 50 ? 9.594   12.181  -6.643  1.00 18.26 ? 50  TRP A O   1 
ATOM   316 C CB  . TRP A 1 50 ? 11.672  12.650  -9.261  1.00 17.17 ? 50  TRP A CB  1 
ATOM   317 C CG  . TRP A 1 50 ? 11.432  11.171  -9.379  1.00 17.14 ? 50  TRP A CG  1 
ATOM   318 C CD1 . TRP A 1 50 ? 10.703  10.527  -10.340 1.00 17.96 ? 50  TRP A CD1 1 
ATOM   319 C CD2 . TRP A 1 50 ? 11.961  10.149  -8.524  1.00 18.29 ? 50  TRP A CD2 1 
ATOM   320 N NE1 . TRP A 1 50 ? 10.756  9.170   -10.142 1.00 18.77 ? 50  TRP A NE1 1 
ATOM   321 C CE2 . TRP A 1 50 ? 11.519  8.907   -9.037  1.00 19.09 ? 50  TRP A CE2 1 
ATOM   322 C CE3 . TRP A 1 50 ? 12.767  10.161  -7.380  1.00 18.33 ? 50  TRP A CE3 1 
ATOM   323 C CZ2 . TRP A 1 50 ? 11.859  7.686   -8.443  1.00 17.95 ? 50  TRP A CZ2 1 
ATOM   324 C CZ3 . TRP A 1 50 ? 13.107  8.948   -6.788  1.00 22.42 ? 50  TRP A CZ3 1 
ATOM   325 C CH2 . TRP A 1 50 ? 12.648  7.721   -7.326  1.00 20.78 ? 50  TRP A CH2 1 
ATOM   326 N N   . LYS A 1 51 ? 11.556  13.212  -6.240  1.00 19.24 ? 51  LYS A N   1 
ATOM   327 C CA  . LYS A 1 51 ? 11.631  12.784  -4.843  1.00 19.68 ? 51  LYS A CA  1 
ATOM   328 C C   . LYS A 1 51 ? 10.436  13.283  -4.026  1.00 20.13 ? 51  LYS A C   1 
ATOM   329 O O   . LYS A 1 51 ? 9.859   12.542  -3.227  1.00 19.90 ? 51  LYS A O   1 
ATOM   330 C CB  . LYS A 1 51 ? 12.928  13.284  -4.194  1.00 21.60 ? 51  LYS A CB  1 
ATOM   331 C CG  . LYS A 1 51 ? 13.082  12.874  -2.735  1.00 26.16 ? 51  LYS A CG  1 
ATOM   332 N N   . ARG A 1 52 ? 10.074  14.545  -4.206  1.00 19.36 ? 52  ARG A N   1 
ATOM   333 C CA  . ARG A 1 52 ? 8.941   15.083  -3.466  1.00 20.72 ? 52  ARG A CA  1 
ATOM   334 C C   . ARG A 1 52 ? 7.659   14.320  -3.759  1.00 19.87 ? 52  ARG A C   1 
ATOM   335 O O   . ARG A 1 52 ? 6.868   14.061  -2.848  1.00 20.27 ? 52  ARG A O   1 
ATOM   336 C CB  . ARG A 1 52 ? 8.710   16.555  -3.802  1.00 24.10 ? 52  ARG A CB  1 
ATOM   337 C CG  . ARG A 1 52 ? 9.789   17.489  -3.298  1.00 29.60 ? 52  ARG A CG  1 
ATOM   338 C CD  . ARG A 1 52 ? 9.336   18.937  -3.449  1.00 33.19 ? 52  ARG A CD  1 
ATOM   339 N NE  . ARG A 1 52 ? 10.337  19.875  -2.947  1.00 42.12 ? 52  ARG A NE  1 
ATOM   340 C CZ  . ARG A 1 52 ? 11.451  20.193  -3.596  1.00 44.86 ? 52  ARG A CZ  1 
ATOM   341 N NH1 . ARG A 1 52 ? 12.311  21.053  -3.068  1.00 48.01 ? 52  ARG A NH1 1 
ATOM   342 N NH2 . ARG A 1 52 ? 11.698  19.661  -4.784  1.00 48.33 ? 52  ARG A NH2 1 
ATOM   343 N N   . LYS A 1 53 ? 7.459   13.960  -5.023  1.00 19.92 ? 53  LYS A N   1 
ATOM   344 C CA  . LYS A 1 53 ? 6.243   13.250  -5.421  1.00 20.48 ? 53  LYS A CA  1 
ATOM   345 C C   . LYS A 1 53 ? 6.247   11.824  -4.890  1.00 21.39 ? 53  LYS A C   1 
ATOM   346 O O   . LYS A 1 53 ? 5.228   11.318  -4.418  1.00 18.44 ? 53  LYS A O   1 
ATOM   347 C CB  . LYS A 1 53 ? 6.109   13.227  -6.952  1.00 22.47 ? 53  LYS A CB  1 
ATOM   348 C CG  . LYS A 1 53 ? 6.070   14.595  -7.608  1.00 28.44 ? 53  LYS A CG  1 
ATOM   349 C CD  . LYS A 1 53 ? 6.103   14.484  -9.126  1.00 30.47 ? 53  LYS A CD  1 
ATOM   350 C CE  . LYS A 1 53 ? 6.360   15.835  -9.781  1.00 35.76 ? 53  LYS A CE  1 
ATOM   351 N NZ  . LYS A 1 53 ? 6.285   15.765  -11.272 1.00 37.94 ? 53  LYS A NZ  1 
ATOM   352 N N   . VAL A 1 54 ? 7.401   11.169  -4.976  1.00 20.22 ? 54  VAL A N   1 
ATOM   353 C CA  . VAL A 1 54 ? 7.516   9.800   -4.498  1.00 19.61 ? 54  VAL A CA  1 
ATOM   354 C C   . VAL A 1 54 ? 7.268   9.761   -2.992  1.00 20.49 ? 54  VAL A C   1 
ATOM   355 O O   . VAL A 1 54 ? 6.576   8.874   -2.493  1.00 20.80 ? 54  VAL A O   1 
ATOM   356 C CB  . VAL A 1 54 ? 8.905   9.219   -4.848  1.00 21.49 ? 54  VAL A CB  1 
ATOM   357 C CG1 . VAL A 1 54 ? 9.143   7.917   -4.099  1.00 27.96 ? 54  VAL A CG1 1 
ATOM   358 C CG2 . VAL A 1 54 ? 8.981   8.989   -6.349  1.00 20.58 ? 54  VAL A CG2 1 
ATOM   359 N N   . ASP A 1 55 ? 7.804   10.740  -2.273  1.00 21.72 ? 55  ASP A N   1 
ATOM   360 C CA  . ASP A 1 55 ? 7.607   10.793  -0.826  1.00 23.31 ? 55  ASP A CA  1 
ATOM   361 C C   . ASP A 1 55 ? 6.126   10.935  -0.480  1.00 21.04 ? 55  ASP A C   1 
ATOM   362 O O   . ASP A 1 55 ? 5.635   10.284  0.445   1.00 24.47 ? 55  ASP A O   1 
ATOM   363 C CB  . ASP A 1 55 ? 8.400   11.958  -0.223  1.00 28.23 ? 55  ASP A CB  1 
ATOM   364 C CG  . ASP A 1 55 ? 9.902   11.691  -0.185  1.00 33.52 ? 55  ASP A CG  1 
ATOM   365 O OD1 . ASP A 1 55 ? 10.665  12.612  0.178   1.00 40.12 ? 55  ASP A OD1 1 
ATOM   366 O OD2 . ASP A 1 55 ? 10.327  10.561  -0.512  1.00 39.02 ? 55  ASP A OD2 1 
ATOM   367 N N   . PHE A 1 56 ? 5.421   11.791  -1.216  1.00 18.86 ? 56  PHE A N   1 
ATOM   368 C CA  . PHE A 1 56 ? 3.996   11.997  -0.979  1.00 21.68 ? 56  PHE A CA  1 
ATOM   369 C C   . PHE A 1 56 ? 3.228   10.704  -1.208  1.00 21.71 ? 56  PHE A C   1 
ATOM   370 O O   . PHE A 1 56 ? 2.393   10.310  -0.387  1.00 21.32 ? 56  PHE A O   1 
ATOM   371 C CB  . PHE A 1 56 ? 3.427   13.069  -1.913  1.00 23.57 ? 56  PHE A CB  1 
ATOM   372 C CG  . PHE A 1 56 ? 1.920   13.104  -1.943  1.00 25.32 ? 56  PHE A CG  1 
ATOM   373 C CD1 . PHE A 1 56 ? 1.199   13.569  -0.846  1.00 28.40 ? 56  PHE A CD1 1 
ATOM   374 C CD2 . PHE A 1 56 ? 1.220   12.649  -3.061  1.00 28.88 ? 56  PHE A CD2 1 
ATOM   375 C CE1 . PHE A 1 56 ? -0.191  13.577  -0.862  1.00 27.39 ? 56  PHE A CE1 1 
ATOM   376 C CE2 . PHE A 1 56 ? -0.172  12.653  -3.086  1.00 30.61 ? 56  PHE A CE2 1 
ATOM   377 C CZ  . PHE A 1 56 ? -0.881  13.120  -1.981  1.00 28.84 ? 56  PHE A CZ  1 
ATOM   378 N N   . LEU A 1 57 ? 3.508   10.045  -2.328  1.00 20.21 ? 57  LEU A N   1 
ATOM   379 C CA  . LEU A 1 57 ? 2.817   8.805   -2.649  1.00 19.12 ? 57  LEU A CA  1 
ATOM   380 C C   . LEU A 1 57 ? 3.079   7.712   -1.622  1.00 19.50 ? 57  LEU A C   1 
ATOM   381 O O   . LEU A 1 57 ? 2.153   7.002   -1.225  1.00 17.49 ? 57  LEU A O   1 
ATOM   382 C CB  . LEU A 1 57 ? 3.207   8.328   -4.053  1.00 16.93 ? 57  LEU A CB  1 
ATOM   383 C CG  . LEU A 1 57 ? 2.630   9.184   -5.183  1.00 19.04 ? 57  LEU A CG  1 
ATOM   384 C CD1 . LEU A 1 57 ? 3.238   8.762   -6.515  1.00 19.48 ? 57  LEU A CD1 1 
ATOM   385 C CD2 . LEU A 1 57 ? 1.111   9.040   -5.203  1.00 21.28 ? 57  LEU A CD2 1 
ATOM   386 N N   . GLU A 1 58 ? 4.328   7.568   -1.190  1.00 18.03 ? 58  GLU A N   1 
ATOM   387 C CA  . GLU A 1 58 ? 4.652   6.549   -0.203  1.00 20.91 ? 58  GLU A CA  1 
ATOM   388 C C   . GLU A 1 58 ? 3.873   6.788   1.086   1.00 21.65 ? 58  GLU A C   1 
ATOM   389 O O   . GLU A 1 58 ? 3.323   5.853   1.655   1.00 21.67 ? 58  GLU A O   1 
ATOM   390 C CB  . GLU A 1 58 ? 6.153   6.537   0.089   1.00 23.12 ? 58  GLU A CB  1 
ATOM   391 C CG  . GLU A 1 58 ? 6.954   5.757   -0.929  1.00 30.28 ? 58  GLU A CG  1 
ATOM   392 C CD  . GLU A 1 58 ? 8.456   5.830   -0.696  1.00 36.74 ? 58  GLU A CD  1 
ATOM   393 O OE1 . GLU A 1 58 ? 9.167   4.932   -1.188  1.00 36.15 ? 58  GLU A OE1 1 
ATOM   394 O OE2 . GLU A 1 58 ? 8.924   6.787   -0.034  1.00 42.01 ? 58  GLU A OE2 1 
ATOM   395 N N   . GLU A 1 59 ? 3.824   8.042   1.535   1.00 20.96 ? 59  GLU A N   1 
ATOM   396 C CA  . GLU A 1 59 ? 3.102   8.379   2.762   1.00 22.25 ? 59  GLU A CA  1 
ATOM   397 C C   . GLU A 1 59 ? 1.599   8.147   2.604   1.00 23.11 ? 59  GLU A C   1 
ATOM   398 O O   . GLU A 1 59 ? 0.952   7.563   3.481   1.00 23.21 ? 59  GLU A O   1 
ATOM   399 C CB  . GLU A 1 59 ? 3.358   9.839   3.148   1.00 26.82 ? 59  GLU A CB  1 
ATOM   400 C CG  . GLU A 1 59 ? 2.702   10.261  4.454   1.00 29.05 ? 59  GLU A CG  1 
ATOM   401 N N   . ASN A 1 60 ? 1.055   8.604   1.482   1.00 20.63 ? 60  ASN A N   1 
ATOM   402 C CA  . ASN A 1 60 ? -0.371  8.469   1.202   1.00 21.60 ? 60  ASN A CA  1 
ATOM   403 C C   . ASN A 1 60 ? -0.806  7.011   1.074   1.00 20.98 ? 60  ASN A C   1 
ATOM   404 O O   . ASN A 1 60 ? -1.862  6.620   1.584   1.00 21.32 ? 60  ASN A O   1 
ATOM   405 C CB  . ASN A 1 60 ? -0.721  9.240   -0.072  1.00 24.38 ? 60  ASN A CB  1 
ATOM   406 C CG  . ASN A 1 60 ? -2.153  9.027   -0.507  1.00 29.59 ? 60  ASN A CG  1 
ATOM   407 O OD1 . ASN A 1 60 ? -2.448  8.115   -1.272  1.00 32.78 ? 60  ASN A OD1 1 
ATOM   408 N ND2 . ASN A 1 60 ? -3.058  9.859   -0.003  1.00 31.32 ? 60  ASN A ND2 1 
ATOM   409 N N   . ILE A 1 61 ? 0.009   6.204   0.402   1.00 20.40 ? 61  ILE A N   1 
ATOM   410 C CA  . ILE A 1 61 ? -0.324  4.793   0.234   1.00 19.81 ? 61  ILE A CA  1 
ATOM   411 C C   . ILE A 1 61 ? -0.281  4.074   1.580   1.00 19.25 ? 61  ILE A C   1 
ATOM   412 O O   . ILE A 1 61 ? -1.140  3.248   1.885   1.00 19.99 ? 61  ILE A O   1 
ATOM   413 C CB  . ILE A 1 61 ? 0.647   4.116   -0.762  1.00 18.06 ? 61  ILE A CB  1 
ATOM   414 C CG1 . ILE A 1 61 ? 0.408   4.680   -2.165  1.00 20.28 ? 61  ILE A CG1 1 
ATOM   415 C CG2 . ILE A 1 61 ? 0.461   2.608   -0.727  1.00 21.15 ? 61  ILE A CG2 1 
ATOM   416 C CD1 . ILE A 1 61 ? 1.497   4.326   -3.180  1.00 17.53 ? 61  ILE A CD1 1 
ATOM   417 N N   . THR A 1 62 ? 0.718   4.396   2.396   1.00 19.65 ? 62  THR A N   1 
ATOM   418 C CA  . THR A 1 62 ? 0.835   3.773   3.711   1.00 22.52 ? 62  THR A CA  1 
ATOM   419 C C   . THR A 1 62 ? -0.418  4.056   4.535   1.00 20.34 ? 62  THR A C   1 
ATOM   420 O O   . THR A 1 62 ? -0.943  3.169   5.209   1.00 20.64 ? 62  THR A O   1 
ATOM   421 C CB  . THR A 1 62 ? 2.061   4.305   4.478   1.00 21.56 ? 62  THR A CB  1 
ATOM   422 O OG1 . THR A 1 62 ? 3.259   3.936   3.779   1.00 25.36 ? 62  THR A OG1 1 
ATOM   423 C CG2 . THR A 1 62 ? 2.096   3.724   5.881   1.00 26.66 ? 62  THR A CG2 1 
ATOM   424 N N   . ALA A 1 63 ? -0.891  5.294   4.476   1.00 20.58 ? 63  ALA A N   1 
ATOM   425 C CA  . ALA A 1 63 ? -2.089  5.694   5.202   1.00 21.14 ? 63  ALA A CA  1 
ATOM   426 C C   . ALA A 1 63 ? -3.306  4.927   4.678   1.00 22.09 ? 63  ALA A C   1 
ATOM   427 O O   . ALA A 1 63 ? -4.146  4.464   5.458   1.00 23.62 ? 63  ALA A O   1 
ATOM   428 C CB  . ALA A 1 63 ? -2.307  7.188   5.050   1.00 22.02 ? 63  ALA A CB  1 
ATOM   429 N N   . LEU A 1 64 ? -3.402  4.798   3.358   1.00 20.15 ? 64  LEU A N   1 
ATOM   430 C CA  . LEU A 1 64 ? -4.519  4.083   2.729   1.00 17.77 ? 64  LEU A CA  1 
ATOM   431 C C   . LEU A 1 64 ? -4.525  2.596   3.072   1.00 19.42 ? 64  LEU A C   1 
ATOM   432 O O   . LEU A 1 64 ? -5.594  1.983   3.180   1.00 19.02 ? 64  LEU A O   1 
ATOM   433 C CB  . LEU A 1 64 ? -4.464  4.234   1.207   1.00 20.76 ? 64  LEU A CB  1 
ATOM   434 C CG  . LEU A 1 64 ? -5.012  5.505   0.558   1.00 25.63 ? 64  LEU A CG  1 
ATOM   435 C CD1 . LEU A 1 64 ? -4.690  5.478   -0.935  1.00 24.90 ? 64  LEU A CD1 1 
ATOM   436 C CD2 . LEU A 1 64 ? -6.523  5.590   0.776   1.00 28.99 ? 64  LEU A CD2 1 
ATOM   437 N N   . LEU A 1 65 ? -3.343  2.005   3.211   1.00 16.62 ? 65  LEU A N   1 
ATOM   438 C CA  . LEU A 1 65 ? -3.265  0.589   3.563   1.00 18.82 ? 65  LEU A CA  1 
ATOM   439 C C   . LEU A 1 65 ? -3.825  0.411   4.968   1.00 16.63 ? 65  LEU A C   1 
ATOM   440 O O   . LEU A 1 65 ? -4.543  -0.547  5.248   1.00 18.77 ? 65  LEU A O   1 
ATOM   441 C CB  . LEU A 1 65 ? -1.815  0.099   3.517   1.00 17.82 ? 65  LEU A CB  1 
ATOM   442 C CG  . LEU A 1 65 ? -1.235  -0.065  2.112   1.00 19.15 ? 65  LEU A CG  1 
ATOM   443 C CD1 . LEU A 1 65 ? 0.269   -0.262  2.205   1.00 18.07 ? 65  LEU A CD1 1 
ATOM   444 C CD2 . LEU A 1 65 ? -1.914  -1.251  1.410   1.00 20.42 ? 65  LEU A CD2 1 
ATOM   445 N N   . GLU A 1 66 ? -3.487  1.338   5.857   1.00 18.03 ? 66  GLU A N   1 
ATOM   446 C CA  . GLU A 1 66 ? -3.984  1.259   7.235   1.00 21.29 ? 66  GLU A CA  1 
ATOM   447 C C   . GLU A 1 66 ? -5.508  1.353   7.245   1.00 21.15 ? 66  GLU A C   1 
ATOM   448 O O   . GLU A 1 66 ? -6.186  0.596   7.939   1.00 23.53 ? 66  GLU A O   1 
ATOM   449 C CB  . GLU A 1 66 ? -3.407  2.397   8.078   1.00 22.96 ? 66  GLU A CB  1 
ATOM   450 C CG  . GLU A 1 66 ? -1.909  2.343   8.294   1.00 32.11 ? 66  GLU A CG  1 
ATOM   451 C CD  . GLU A 1 66 ? -1.414  3.509   9.140   1.00 37.30 ? 66  GLU A CD  1 
ATOM   452 O OE1 . GLU A 1 66 ? -1.998  3.758   10.220  1.00 40.89 ? 66  GLU A OE1 1 
ATOM   453 O OE2 . GLU A 1 66 ? -0.439  4.178   8.729   1.00 41.72 ? 66  GLU A OE2 1 
ATOM   454 N N   . GLU A 1 67 ? -6.040  2.291   6.474   1.00 20.46 ? 67  GLU A N   1 
ATOM   455 C CA  . GLU A 1 67 ? -7.479  2.486   6.397   1.00 20.45 ? 67  GLU A CA  1 
ATOM   456 C C   . GLU A 1 67 ? -8.153  1.252   5.798   1.00 20.65 ? 67  GLU A C   1 
ATOM   457 O O   . GLU A 1 67 ? -9.233  0.849   6.232   1.00 19.42 ? 67  GLU A O   1 
ATOM   458 C CB  . GLU A 1 67 ? -7.797  3.723   5.552   1.00 25.80 ? 67  GLU A CB  1 
ATOM   459 C CG  . GLU A 1 67 ? -7.261  5.032   6.131   1.00 32.78 ? 67  GLU A CG  1 
ATOM   460 C CD  . GLU A 1 67 ? -7.480  6.215   5.198   1.00 38.20 ? 67  GLU A CD  1 
ATOM   461 O OE1 . GLU A 1 67 ? -8.623  6.400   4.731   1.00 42.79 ? 67  GLU A OE1 1 
ATOM   462 O OE2 . GLU A 1 67 ? -6.514  6.963   4.931   1.00 43.25 ? 67  GLU A OE2 1 
ATOM   463 N N   . ALA A 1 68 ? -7.524  0.651   4.795   1.00 17.96 ? 68  ALA A N   1 
ATOM   464 C CA  . ALA A 1 68 ? -8.107  -0.542  4.178   1.00 16.65 ? 68  ALA A CA  1 
ATOM   465 C C   . ALA A 1 68 ? -8.101  -1.697  5.176   1.00 16.70 ? 68  ALA A C   1 
ATOM   466 O O   . ALA A 1 68 ? -9.025  -2.505  5.198   1.00 16.23 ? 68  ALA A O   1 
ATOM   467 C CB  . ALA A 1 68 ? -7.343  -0.918  2.924   1.00 17.19 ? 68  ALA A CB  1 
ATOM   468 N N   . GLN A 1 69 ? -7.063  -1.782  6.008   1.00 15.16 ? 69  GLN A N   1 
ATOM   469 C CA  . GLN A 1 69 ? -6.994  -2.847  7.006   1.00 19.21 ? 69  GLN A CA  1 
ATOM   470 C C   . GLN A 1 69 ? -8.128  -2.674  8.022   1.00 17.90 ? 69  GLN A C   1 
ATOM   471 O O   . GLN A 1 69 ? -8.752  -3.648  8.434   1.00 18.33 ? 69  GLN A O   1 
ATOM   472 C CB  . GLN A 1 69 ? -5.643  -2.822  7.741   1.00 22.63 ? 69  GLN A CB  1 
ATOM   473 C CG  . GLN A 1 69 ? -4.463  -3.283  6.901   1.00 32.45 ? 69  GLN A CG  1 
ATOM   474 C CD  . GLN A 1 69 ? -3.128  -3.107  7.619   1.00 36.93 ? 69  GLN A CD  1 
ATOM   475 O OE1 . GLN A 1 69 ? -2.876  -3.733  8.650   1.00 38.42 ? 69  GLN A OE1 1 
ATOM   476 N NE2 . GLN A 1 69 ? -2.268  -2.253  7.069   1.00 38.39 ? 69  GLN A NE2 1 
ATOM   477 N N   . ILE A 1 70 ? -8.379  -1.432  8.425   1.00 17.55 ? 70  ILE A N   1 
ATOM   478 C CA  . ILE A 1 70 ? -9.454  -1.132  9.373   1.00 19.51 ? 70  ILE A CA  1 
ATOM   479 C C   . ILE A 1 70 ? -10.810 -1.496  8.747   1.00 19.01 ? 70  ILE A C   1 
ATOM   480 O O   . ILE A 1 70 ? -11.663 -2.105  9.400   1.00 17.85 ? 70  ILE A O   1 
ATOM   481 C CB  . ILE A 1 70 ? -9.446  0.375   9.756   1.00 21.05 ? 70  ILE A CB  1 
ATOM   482 C CG1 . ILE A 1 70 ? -8.171  0.701   10.540  1.00 25.99 ? 70  ILE A CG1 1 
ATOM   483 C CG2 . ILE A 1 70 ? -10.691 0.721   10.571  1.00 22.44 ? 70  ILE A CG2 1 
ATOM   484 C CD1 . ILE A 1 70 ? -7.945  2.187   10.763  1.00 27.17 ? 70  ILE A CD1 1 
ATOM   485 N N   . GLN A 1 71 ? -11.010 -1.141  7.478   1.00 15.98 ? 71  GLN A N   1 
ATOM   486 C CA  . GLN A 1 71 ? -12.270 -1.462  6.814   1.00 16.13 ? 71  GLN A CA  1 
ATOM   487 C C   . GLN A 1 71 ? -12.433 -2.983  6.697   1.00 15.11 ? 71  GLN A C   1 
ATOM   488 O O   . GLN A 1 71 ? -13.537 -3.509  6.831   1.00 16.50 ? 71  GLN A O   1 
ATOM   489 C CB  . GLN A 1 71 ? -12.328 -0.812  5.425   1.00 17.35 ? 71  GLN A CB  1 
ATOM   490 C CG  . GLN A 1 71 ? -13.679 -0.975  4.724   1.00 19.21 ? 71  GLN A CG  1 
ATOM   491 C CD  . GLN A 1 71 ? -14.819 -0.331  5.502   1.00 23.90 ? 71  GLN A CD  1 
ATOM   492 O OE1 . GLN A 1 71 ? -15.847 -0.963  5.765   1.00 26.61 ? 71  GLN A OE1 1 
ATOM   493 N NE2 . GLN A 1 71 ? -14.640 0.929   5.873   1.00 22.10 ? 71  GLN A NE2 1 
ATOM   494 N N   . GLN A 1 72 ? -11.329 -3.692  6.468   1.00 13.42 ? 72  GLN A N   1 
ATOM   495 C CA  . GLN A 1 72 ? -11.377 -5.139  6.346   1.00 14.65 ? 72  GLN A CA  1 
ATOM   496 C C   . GLN A 1 72 ? -11.873 -5.740  7.659   1.00 14.62 ? 72  GLN A C   1 
ATOM   497 O O   . GLN A 1 72 ? -12.721 -6.635  7.665   1.00 14.57 ? 72  GLN A O   1 
ATOM   498 C CB  . GLN A 1 72 ? -9.980  -5.676  6.024   1.00 16.05 ? 72  GLN A CB  1 
ATOM   499 C CG  . GLN A 1 72 ? -9.916  -7.187  5.827   1.00 14.87 ? 72  GLN A CG  1 
ATOM   500 C CD  . GLN A 1 72 ? -10.756 -7.658  4.661   1.00 16.53 ? 72  GLN A CD  1 
ATOM   501 O OE1 . GLN A 1 72 ? -10.990 -6.911  3.708   1.00 17.86 ? 72  GLN A OE1 1 
ATOM   502 N NE2 . GLN A 1 72 ? -11.193 -8.909  4.717   1.00 17.34 ? 72  GLN A NE2 1 
ATOM   503 N N   . GLU A 1 73 ? -11.333 -5.233  8.766   1.00 15.60 ? 73  GLU A N   1 
ATOM   504 C CA  . GLU A 1 73 ? -11.710 -5.705  10.099  1.00 18.12 ? 73  GLU A CA  1 
ATOM   505 C C   . GLU A 1 73 ? -13.186 -5.430  10.405  1.00 17.57 ? 73  GLU A C   1 
ATOM   506 O O   . GLU A 1 73 ? -13.880 -6.278  10.975  1.00 19.78 ? 73  GLU A O   1 
ATOM   507 C CB  . GLU A 1 73 ? -10.814 -5.042  11.151  1.00 19.05 ? 73  GLU A CB  1 
ATOM   508 C CG  . GLU A 1 73 ? -9.343  -5.451  11.049  1.00 27.25 ? 73  GLU A CG  1 
ATOM   509 N N   . LYS A 1 74 ? -13.668 -4.248  10.030  1.00 18.46 ? 74  LYS A N   1 
ATOM   510 C CA  . LYS A 1 74 ? -15.074 -3.913  10.247  1.00 18.04 ? 74  LYS A CA  1 
ATOM   511 C C   . LYS A 1 74 ? -15.964 -4.848  9.431   1.00 17.82 ? 74  LYS A C   1 
ATOM   512 O O   . LYS A 1 74 ? -16.987 -5.322  9.923   1.00 18.80 ? 74  LYS A O   1 
ATOM   513 C CB  . LYS A 1 74 ? -15.357 -2.467  9.839   1.00 17.78 ? 74  LYS A CB  1 
ATOM   514 C CG  . LYS A 1 74 ? -14.750 -1.440  10.769  1.00 21.33 ? 74  LYS A CG  1 
ATOM   515 C CD  . LYS A 1 74 ? -15.098 -0.043  10.299  1.00 23.78 ? 74  LYS A CD  1 
ATOM   516 C CE  . LYS A 1 74 ? -14.431 1.005   11.147  1.00 28.09 ? 74  LYS A CE  1 
ATOM   517 N NZ  . LYS A 1 74 ? -14.748 2.366   10.633  1.00 29.93 ? 74  LYS A NZ  1 
ATOM   518 N N   . ASN A 1 75 ? -15.580 -5.104  8.180   1.00 15.61 ? 75  ASN A N   1 
ATOM   519 C CA  . ASN A 1 75 ? -16.344 -5.994  7.315   1.00 17.67 ? 75  ASN A CA  1 
ATOM   520 C C   . ASN A 1 75 ? -16.363 -7.409  7.901   1.00 17.23 ? 75  ASN A C   1 
ATOM   521 O O   . ASN A 1 75 ? -17.398 -8.079  7.891   1.00 20.26 ? 75  ASN A O   1 
ATOM   522 C CB  . ASN A 1 75 ? -15.734 -6.031  5.902   1.00 17.87 ? 75  ASN A CB  1 
ATOM   523 C CG  . ASN A 1 75 ? -15.921 -4.719  5.143   1.00 19.67 ? 75  ASN A CG  1 
ATOM   524 O OD1 . ASN A 1 75 ? -15.340 -4.514  4.056   1.00 18.80 ? 75  ASN A OD1 1 
ATOM   525 N ND2 . ASN A 1 75 ? -16.738 -3.837  5.686   1.00 16.47 ? 75  ASN A ND2 1 
ATOM   526 N N   . MET A 1 76 ? -15.222 -7.848  8.426   1.00 17.85 ? 76  MET A N   1 
ATOM   527 C CA  . MET A 1 76 ? -15.121 -9.177  9.009   1.00 21.61 ? 76  MET A CA  1 
ATOM   528 C C   . MET A 1 76 ? -15.979 -9.240  10.279  1.00 20.68 ? 76  MET A C   1 
ATOM   529 O O   . MET A 1 76 ? -16.621 -10.258 10.551  1.00 21.93 ? 76  MET A O   1 
ATOM   530 C CB  . MET A 1 76 ? -13.661 -9.497  9.336   1.00 24.41 ? 76  MET A CB  1 
ATOM   531 C CG  . MET A 1 76 ? -13.460 -10.893 9.876   1.00 31.64 ? 76  MET A CG  1 
ATOM   532 S SD  . MET A 1 76 ? -14.011 -12.134 8.691   1.00 38.86 ? 76  MET A SD  1 
ATOM   533 C CE  . MET A 1 76 ? -12.883 -11.799 7.344   1.00 36.99 ? 76  MET A CE  1 
ATOM   534 N N   . TYR A 1 77 ? -15.989 -8.155  11.045  1.00 21.65 ? 77  TYR A N   1 
ATOM   535 C CA  . TYR A 1 77 ? -16.791 -8.096  12.265  1.00 23.25 ? 77  TYR A CA  1 
ATOM   536 C C   . TYR A 1 77 ? -18.265 -8.255  11.928  1.00 25.55 ? 77  TYR A C   1 
ATOM   537 O O   . TYR A 1 77 ? -18.960 -9.083  12.508  1.00 27.83 ? 77  TYR A O   1 
ATOM   538 C CB  . TYR A 1 77 ? -16.598 -6.759  12.984  1.00 24.07 ? 77  TYR A CB  1 
ATOM   539 C CG  . TYR A 1 77 ? -17.742 -6.428  13.929  1.00 28.97 ? 77  TYR A CG  1 
ATOM   540 C CD1 . TYR A 1 77 ? -17.876 -7.084  15.150  1.00 34.27 ? 77  TYR A CD1 1 
ATOM   541 C CD2 . TYR A 1 77 ? -18.723 -5.503  13.568  1.00 31.10 ? 77  TYR A CD2 1 
ATOM   542 C CE1 . TYR A 1 77 ? -18.962 -6.830  15.991  1.00 36.17 ? 77  TYR A CE1 1 
ATOM   543 C CE2 . TYR A 1 77 ? -19.813 -5.243  14.398  1.00 34.43 ? 77  TYR A CE2 1 
ATOM   544 C CZ  . TYR A 1 77 ? -19.928 -5.910  15.604  1.00 35.27 ? 77  TYR A CZ  1 
ATOM   545 O OH  . TYR A 1 77 ? -21.018 -5.671  16.409  1.00 38.87 ? 77  TYR A OH  1 
ATOM   546 N N   . GLU A 1 78 ? -18.745 -7.447  10.990  1.00 25.77 ? 78  GLU A N   1 
ATOM   547 C CA  . GLU A 1 78 ? -20.143 -7.506  10.602  1.00 29.12 ? 78  GLU A CA  1 
ATOM   548 C C   . GLU A 1 78 ? -20.469 -8.903  10.062  1.00 30.80 ? 78  GLU A C   1 
ATOM   549 O O   . GLU A 1 78 ? -21.572 -9.408  10.259  1.00 30.95 ? 78  GLU A O   1 
ATOM   550 C CB  . GLU A 1 78 ? -20.447 -6.432  9.556   1.00 32.61 ? 78  GLU A CB  1 
ATOM   551 C CG  . GLU A 1 78 ? -21.938 -6.148  9.383   1.00 38.18 ? 78  GLU A CG  1 
ATOM   552 C CD  . GLU A 1 78 ? -22.216 -4.981  8.450   1.00 41.22 ? 78  GLU A CD  1 
ATOM   553 O OE1 . GLU A 1 78 ? -23.403 -4.649  8.255   1.00 46.30 ? 78  GLU A OE1 1 
ATOM   554 O OE2 . GLU A 1 78 ? -21.253 -4.398  7.905   1.00 44.69 ? 78  GLU A OE2 1 
ATOM   555 N N   . LEU A 1 79 ? -19.503 -9.530  9.396   1.00 27.82 ? 79  LEU A N   1 
ATOM   556 C CA  . LEU A 1 79 ? -19.699 -10.875 8.865   1.00 29.63 ? 79  LEU A CA  1 
ATOM   557 C C   . LEU A 1 79 ? -19.796 -11.890 10.011  1.00 29.26 ? 79  LEU A C   1 
ATOM   558 O O   . LEU A 1 79 ? -20.723 -12.697 10.054  1.00 32.00 ? 79  LEU A O   1 
ATOM   559 C CB  . LEU A 1 79 ? -18.532 -11.261 7.945   1.00 31.56 ? 79  LEU A CB  1 
ATOM   560 C CG  . LEU A 1 79 ? -18.559 -12.668 7.335   1.00 31.30 ? 79  LEU A CG  1 
ATOM   561 C CD1 . LEU A 1 79 ? -19.711 -12.780 6.354   1.00 34.20 ? 79  LEU A CD1 1 
ATOM   562 C CD2 . LEU A 1 79 ? -17.235 -12.957 6.634   1.00 31.43 ? 79  LEU A CD2 1 
ATOM   563 N N   . GLN A 1 80 ? -18.831 -11.843 10.928  1.00 31.88 ? 80  GLN A N   1 
ATOM   564 C CA  . GLN A 1 80 ? -18.786 -12.771 12.062  1.00 34.29 ? 80  GLN A CA  1 
ATOM   565 C C   . GLN A 1 80 ? -19.949 -12.617 13.023  1.00 35.15 ? 80  GLN A C   1 
ATOM   566 O O   . GLN A 1 80 ? -20.428 -13.604 13.588  1.00 35.81 ? 80  GLN A O   1 
ATOM   567 C CB  . GLN A 1 80 ? -17.473 -12.625 12.835  1.00 35.34 ? 80  GLN A CB  1 
ATOM   568 C CG  . GLN A 1 80 ? -16.253 -13.103 12.069  1.00 39.57 ? 80  GLN A CG  1 
ATOM   569 C CD  . GLN A 1 80 ? -16.430 -14.503 11.515  1.00 43.75 ? 80  GLN A CD  1 
ATOM   570 O OE1 . GLN A 1 80 ? -16.704 -15.452 12.257  1.00 43.78 ? 80  GLN A OE1 1 
ATOM   571 N NE2 . GLN A 1 80 ? -16.275 -14.643 10.203  1.00 46.67 ? 80  GLN A NE2 1 
ATOM   572 N N   . LYS A 1 81 ? -20.391 -11.381 13.229  1.00 37.86 ? 81  LYS A N   1 
ATOM   573 C CA  . LYS A 1 81 ? -21.521 -11.123 14.109  1.00 38.23 ? 81  LYS A CA  1 
ATOM   574 C C   . LYS A 1 81 ? -22.757 -11.688 13.407  1.00 41.22 ? 81  LYS A C   1 
ATOM   575 O O   . LYS A 1 81 ? -23.751 -10.950 13.232  1.00 43.52 ? 81  LYS A O   1 
ATOM   576 C CB  . LYS A 1 81 ? -21.682 -9.614  14.340  1.00 37.10 ? 81  LYS A CB  1 
ATOM   577 C CG  . LYS A 1 81 ? -22.763 -9.238  15.346  1.00 35.16 ? 81  LYS A CG  1 
HETATM 578 O O   . HOH B 2 .  ? -0.311  -2.657  -7.072  0.50 35.44 ? 101 HOH A O   1 
HETATM 579 O O   . HOH B 2 .  ? 8.572   0.012   -9.527  0.50 23.87 ? 102 HOH A O   1 
HETATM 580 O O   . HOH B 2 .  ? -13.678 -6.912  3.322   1.00 18.98 ? 103 HOH A O   1 
HETATM 581 O O   . HOH B 2 .  ? -9.784  -10.574 6.737   1.00 26.51 ? 104 HOH A O   1 
HETATM 582 O O   . HOH B 2 .  ? 6.904   15.285  -0.356  1.00 31.11 ? 105 HOH A O   1 
HETATM 583 O O   . HOH B 2 .  ? -17.155 2.646   12.051  1.00 36.03 ? 106 HOH A O   1 
HETATM 584 O O   . HOH B 2 .  ? 1.145   7.780   6.177   1.00 31.48 ? 107 HOH A O   1 
HETATM 585 O O   . HOH B 2 .  ? -11.212 2.859   7.282   1.00 42.48 ? 108 HOH A O   1 
HETATM 586 O O   . HOH B 2 .  ? 11.565  3.658   -0.566  1.00 32.82 ? 109 HOH A O   1 
HETATM 587 O O   . HOH B 2 .  ? -9.418  -13.254 6.011   1.00 41.98 ? 110 HOH A O   1 
HETATM 588 O O   . HOH B 2 .  ? 8.330   8.258   2.456   1.00 41.79 ? 111 HOH A O   1 
HETATM 589 O O   . HOH B 2 .  ? -2.116  -4.460  5.029   1.00 46.53 ? 112 HOH A O   1 
HETATM 590 O O   . HOH B 2 .  ? -2.650  -13.153 5.209   1.00 32.29 ? 113 HOH A O   1 
HETATM 591 O O   . HOH B 2 .  ? -8.080  2.968   2.467   1.00 35.36 ? 114 HOH A O   1 
HETATM 592 O O   . HOH B 2 .  ? -18.251 0.143   7.519   1.00 33.16 ? 115 HOH A O   1 
HETATM 593 O O   . HOH B 2 .  ? 5.105   6.194   5.087   1.00 48.64 ? 116 HOH A O   1 
HETATM 594 O O   . HOH B 2 .  ? 2.410   -0.214  5.221   1.00 37.46 ? 117 HOH A O   1 
HETATM 595 O O   . HOH B 2 .  ? 8.223   -2.065  3.264   1.00 35.84 ? 118 HOH A O   1 
HETATM 596 O O   . HOH B 2 .  ? 3.694   -2.599  4.330   1.00 51.61 ? 119 HOH A O   1 
HETATM 597 O O   . HOH B 2 .  ? 13.485  5.485   -0.386  1.00 42.84 ? 120 HOH A O   1 
HETATM 598 O O   . HOH B 2 .  ? 18.909  4.407   -1.832  1.00 32.05 ? 121 HOH A O   1 
HETATM 599 O O   . HOH B 2 .  ? 15.798  21.530  -10.520 1.00 46.52 ? 122 HOH A O   1 
HETATM 600 O O   . HOH B 2 .  ? 8.802   13.412  -12.635 1.00 48.02 ? 123 HOH A O   1 
HETATM 601 O O   . HOH B 2 .  ? -10.399 -7.986  11.770  1.00 35.50 ? 124 HOH A O   1 
HETATM 602 O O   . HOH B 2 .  ? 25.989  2.801   -8.483  1.00 46.11 ? 125 HOH A O   1 
HETATM 603 O O   . HOH B 2 .  ? -4.325  6.153   8.190   1.00 42.80 ? 126 HOH A O   1 
HETATM 604 O O   . HOH B 2 .  ? -5.331  7.308   10.785  1.00 51.00 ? 127 HOH A O   1 
HETATM 605 O O   . HOH B 2 .  ? 12.715  22.055  -7.444  1.00 38.47 ? 128 HOH A O   1 
HETATM 606 O O   . HOH B 2 .  ? 19.641  9.829   -4.872  1.00 33.56 ? 129 HOH A O   1 
HETATM 607 O O   . HOH B 2 .  ? 21.480  11.436  -12.183 1.00 42.37 ? 130 HOH A O   1 
HETATM 608 O O   . HOH B 2 .  ? 0.556   0.793   6.571   1.00 33.71 ? 131 HOH A O   1 
HETATM 609 O O   . HOH B 2 .  ? 1.643   1.191   8.857   1.00 43.28 ? 132 HOH A O   1 
HETATM 610 O O   . HOH B 2 .  ? 21.337  4.696   -1.797  1.00 38.29 ? 133 HOH A O   1 
HETATM 611 O O   . HOH B 2 .  ? -19.029 -14.636 -0.796  1.00 26.02 ? 134 HOH A O   1 
HETATM 612 O O   . HOH B 2 .  ? -22.723 -15.833 -1.544  1.00 41.92 ? 135 HOH A O   1 
HETATM 613 O O   . HOH B 2 .  ? -20.884 -16.325 3.692   1.00 40.77 ? 136 HOH A O   1 
HETATM 614 O O   . HOH B 2 .  ? -22.251 -14.456 5.444   1.00 55.96 ? 137 HOH A O   1 
HETATM 615 O O   . HOH B 2 .  ? -24.950 -10.480 11.130  1.00 49.48 ? 138 HOH A O   1 
HETATM 616 O O   . HOH B 2 .  ? -21.779 -15.712 11.510  1.00 43.05 ? 139 HOH A O   1 
HETATM 617 O O   . HOH B 2 .  ? 17.063  12.348  -5.017  1.00 42.89 ? 140 HOH A O   1 
HETATM 618 O O   . HOH B 2 .  ? 17.882  16.697  -10.771 1.00 41.55 ? 141 HOH A O   1 
HETATM 619 O O   . HOH B 2 .  ? 27.941  6.003   -5.395  1.00 42.94 ? 142 HOH A O   1 
HETATM 620 O O   . HOH B 2 .  ? 25.827  9.288   -9.191  1.00 53.62 ? 143 HOH A O   1 
HETATM 621 O O   . HOH B 2 .  ? 30.062  4.755   -6.712  1.00 53.05 ? 144 HOH A O   1 
HETATM 622 O O   . HOH B 2 .  ? 26.607  11.283  -10.629 1.00 51.47 ? 145 HOH A O   1 
HETATM 623 O O   . HOH B 2 .  ? 9.245   4.546   3.069   1.00 40.57 ? 146 HOH A O   1 
HETATM 624 O O   . HOH B 2 .  ? 24.560  12.322  -9.004  1.00 54.51 ? 147 HOH A O   1 
# 
loop_
_pdbx_poly_seq_scheme.asym_id 
_pdbx_poly_seq_scheme.entity_id 
_pdbx_poly_seq_scheme.seq_id 
_pdbx_poly_seq_scheme.mon_id 
_pdbx_poly_seq_scheme.ndb_seq_num 
_pdbx_poly_seq_scheme.pdb_seq_num 
_pdbx_poly_seq_scheme.auth_seq_num 
_pdbx_poly_seq_scheme.pdb_mon_id 
_pdbx_poly_seq_scheme.auth_mon_id 
_pdbx_poly_seq_scheme.pdb_strand_id 
_pdbx_poly_seq_scheme.pdb_ins_code 
_pdbx_poly_seq_scheme.hetero 
A 1 1  ARG 1  1  ?  ?   ?   A . n 
A 1 2  THR 2  2  ?  ?   ?   A . n 
A 1 3  SER 3  3  ?  ?   ?   A . n 
A 1 4  LEU 4  4  4  LEU LEU A . n 
A 1 5  ALA 5  5  5  ALA ALA A . n 
A 1 6  GLY 6  6  6  GLY GLY A . n 
A 1 7  ILE 7  7  7  ILE ILE A . n 
A 1 8  VAL 8  8  8  VAL VAL A . n 
A 1 9  GLN 9  9  9  GLN GLN A . n 
A 1 10 GLN 10 10 10 GLN GLN A . n 
A 1 11 GLN 11 11 11 GLN GLN A . n 
A 1 12 GLN 12 12 12 GLN GLN A . n 
A 1 13 GLN 13 13 13 GLN GLN A . n 
A 1 14 LEU 14 14 14 LEU LEU A . n 
A 1 15 LEU 15 15 15 LEU LEU A . n 
A 1 16 ASP 16 16 16 ASP ASP A . n 
A 1 17 LEU 17 17 17 LEU LEU A . n 
A 1 18 VAL 18 18 18 VAL VAL A . n 
A 1 19 THR 19 19 19 THR THR A . n 
A 1 20 ARG 20 20 20 ARG ARG A . n 
A 1 21 GLN 21 21 21 GLN GLN A . n 
A 1 22 GLN 22 22 22 GLN GLN A . n 
A 1 23 GLU 23 23 23 GLU GLU A . n 
A 1 24 LEU 24 24 24 LEU LEU A . n 
A 1 25 LEU 25 25 25 LEU LEU A . n 
A 1 26 ARG 26 26 26 ARG ARG A . n 
A 1 27 LEU 27 27 27 LEU LEU A . n 
A 1 28 THR 28 28 28 THR THR A . n 
A 1 29 VAL 29 29 29 VAL VAL A . n 
A 1 30 TRP 30 30 30 TRP TRP A . n 
A 1 31 GLY 31 31 31 GLY GLY A . n 
A 1 32 ILE 32 32 32 ILE ILE A . n 
A 1 33 LYS 33 33 33 LYS LYS A . n 
A 1 34 ASN 34 34 34 ASN ASN A . n 
A 1 35 LEU 35 35 35 LEU LEU A . n 
A 1 36 GLN 36 36 36 GLN GLN A . n 
A 1 37 THR 37 37 37 THR THR A . n 
A 1 38 ARG 38 38 ?  ?   ?   A . n 
A 1 39 VAL 39 39 ?  ?   ?   A . n 
A 1 40 THR 40 40 ?  ?   ?   A . n 
A 1 41 SER 41 41 ?  ?   ?   A . n 
A 1 42 GLY 42 42 ?  ?   ?   A . n 
A 1 43 GLY 43 43 ?  ?   ?   A . n 
A 1 44 ARG 44 44 ?  ?   ?   A . n 
A 1 45 GLY 45 45 45 GLY GLY A . n 
A 1 46 GLY 46 46 46 GLY GLY A . n 
A 1 47 TRP 47 47 47 TRP TRP A . n 
A 1 48 GLN 48 48 48 GLN GLN A . n 
A 1 49 GLU 49 49 49 GLU GLU A . n 
A 1 50 TRP 50 50 50 TRP TRP A . n 
A 1 51 LYS 51 51 51 LYS LYS A . n 
A 1 52 ARG 52 52 52 ARG ARG A . n 
A 1 53 LYS 53 53 53 LYS LYS A . n 
A 1 54 VAL 54 54 54 VAL VAL A . n 
A 1 55 ASP 55 55 55 ASP ASP A . n 
A 1 56 PHE 56 56 56 PHE PHE A . n 
A 1 57 LEU 57 57 57 LEU LEU A . n 
A 1 58 GLU 58 58 58 GLU GLU A . n 
A 1 59 GLU 59 59 59 GLU GLU A . n 
A 1 60 ASN 60 60 60 ASN ASN A . n 
A 1 61 ILE 61 61 61 ILE ILE A . n 
A 1 62 THR 62 62 62 THR THR A . n 
A 1 63 ALA 63 63 63 ALA ALA A . n 
A 1 64 LEU 64 64 64 LEU LEU A . n 
A 1 65 LEU 65 65 65 LEU LEU A . n 
A 1 66 GLU 66 66 66 GLU GLU A . n 
A 1 67 GLU 67 67 67 GLU GLU A . n 
A 1 68 ALA 68 68 68 ALA ALA A . n 
A 1 69 GLN 69 69 69 GLN GLN A . n 
A 1 70 ILE 70 70 70 ILE ILE A . n 
A 1 71 GLN 71 71 71 GLN GLN A . n 
A 1 72 GLN 72 72 72 GLN GLN A . n 
A 1 73 GLU 73 73 73 GLU GLU A . n 
A 1 74 LYS 74 74 74 LYS LYS A . n 
A 1 75 ASN 75 75 75 ASN ASN A . n 
A 1 76 MET 76 76 76 MET MET A . n 
A 1 77 TYR 77 77 77 TYR TYR A . n 
A 1 78 GLU 78 78 78 GLU GLU A . n 
A 1 79 LEU 79 79 79 LEU LEU A . n 
A 1 80 GLN 80 80 80 GLN GLN A . n 
A 1 81 LYS 81 81 81 LYS LYS A . n 
A 1 82 LEU 82 82 ?  ?   ?   A . n 
A 1 83 ASN 83 83 ?  ?   ?   A . n 
A 1 84 SER 84 84 ?  ?   ?   A . n 
# 
loop_
_pdbx_nonpoly_scheme.asym_id 
_pdbx_nonpoly_scheme.entity_id 
_pdbx_nonpoly_scheme.mon_id 
_pdbx_nonpoly_scheme.ndb_seq_num 
_pdbx_nonpoly_scheme.pdb_seq_num 
_pdbx_nonpoly_scheme.auth_seq_num 
_pdbx_nonpoly_scheme.pdb_mon_id 
_pdbx_nonpoly_scheme.auth_mon_id 
_pdbx_nonpoly_scheme.pdb_strand_id 
_pdbx_nonpoly_scheme.pdb_ins_code 
B 2 HOH 1  101 101 HOH HOH A . 
B 2 HOH 2  102 102 HOH HOH A . 
B 2 HOH 3  103 103 HOH HOH A . 
B 2 HOH 4  104 104 HOH HOH A . 
B 2 HOH 5  105 105 HOH HOH A . 
B 2 HOH 6  106 106 HOH HOH A . 
B 2 HOH 7  107 107 HOH HOH A . 
B 2 HOH 8  108 108 HOH HOH A . 
B 2 HOH 9  109 109 HOH HOH A . 
B 2 HOH 10 110 110 HOH HOH A . 
B 2 HOH 11 111 111 HOH HOH A . 
B 2 HOH 12 112 112 HOH HOH A . 
B 2 HOH 13 113 113 HOH HOH A . 
B 2 HOH 14 114 114 HOH HOH A . 
B 2 HOH 15 115 115 HOH HOH A . 
B 2 HOH 16 116 116 HOH HOH A . 
B 2 HOH 17 117 117 HOH HOH A . 
B 2 HOH 18 118 118 HOH HOH A . 
B 2 HOH 19 119 119 HOH HOH A . 
B 2 HOH 20 120 120 HOH HOH A . 
B 2 HOH 21 121 121 HOH HOH A . 
B 2 HOH 22 122 122 HOH HOH A . 
B 2 HOH 23 123 123 HOH HOH A . 
B 2 HOH 24 124 124 HOH HOH A . 
B 2 HOH 25 125 125 HOH HOH A . 
B 2 HOH 26 126 126 HOH HOH A . 
B 2 HOH 27 127 127 HOH HOH A . 
B 2 HOH 28 128 128 HOH HOH A . 
B 2 HOH 29 129 129 HOH HOH A . 
B 2 HOH 30 130 130 HOH HOH A . 
B 2 HOH 31 131 131 HOH HOH A . 
B 2 HOH 32 132 132 HOH HOH A . 
B 2 HOH 33 133 133 HOH HOH A . 
B 2 HOH 34 134 134 HOH HOH A . 
B 2 HOH 35 135 135 HOH HOH A . 
B 2 HOH 36 136 136 HOH HOH A . 
B 2 HOH 37 137 137 HOH HOH A . 
B 2 HOH 38 138 138 HOH HOH A . 
B 2 HOH 39 139 139 HOH HOH A . 
B 2 HOH 40 140 140 HOH HOH A . 
B 2 HOH 41 141 141 HOH HOH A . 
B 2 HOH 42 142 142 HOH HOH A . 
B 2 HOH 43 143 143 HOH HOH A . 
B 2 HOH 44 144 144 HOH HOH A . 
B 2 HOH 45 145 145 HOH HOH A . 
B 2 HOH 46 146 146 HOH HOH A . 
B 2 HOH 47 147 147 HOH HOH A . 
# 
_pdbx_struct_assembly.id                   1 
_pdbx_struct_assembly.details              author_and_software_defined_assembly 
_pdbx_struct_assembly.method_details       PISA,PQS 
_pdbx_struct_assembly.oligomeric_details   trimeric 
_pdbx_struct_assembly.oligomeric_count     3 
# 
_pdbx_struct_assembly_gen.assembly_id       1 
_pdbx_struct_assembly_gen.oper_expression   1,2,3 
_pdbx_struct_assembly_gen.asym_id_list      A,B 
# 
loop_
_pdbx_struct_assembly_prop.biol_id 
_pdbx_struct_assembly_prop.type 
_pdbx_struct_assembly_prop.value 
_pdbx_struct_assembly_prop.details 
1 'ABSA (A^2)' 6790  ? 
1 MORE         -65   ? 
1 'SSA (A^2)'  10630 ? 
# 
loop_
_pdbx_struct_oper_list.id 
_pdbx_struct_oper_list.type 
_pdbx_struct_oper_list.name 
_pdbx_struct_oper_list.symmetry_operation 
_pdbx_struct_oper_list.matrix[1][1] 
_pdbx_struct_oper_list.matrix[1][2] 
_pdbx_struct_oper_list.matrix[1][3] 
_pdbx_struct_oper_list.vector[1] 
_pdbx_struct_oper_list.matrix[2][1] 
_pdbx_struct_oper_list.matrix[2][2] 
_pdbx_struct_oper_list.matrix[2][3] 
_pdbx_struct_oper_list.vector[2] 
_pdbx_struct_oper_list.matrix[3][1] 
_pdbx_struct_oper_list.matrix[3][2] 
_pdbx_struct_oper_list.matrix[3][3] 
_pdbx_struct_oper_list.vector[3] 
1 'identity operation'         1_555 x,y,z         1.0000000000 0.0000000000 0.0000000000  0.0000000000  0.0000000000 1.0000000000  0.0000000000  0.0000000000   0.0000000000  0.0000000000  1.0000000000  0.0000000000   
2 'crystal symmetry operation' 2_765 -y+2,x-y+1,z  0.7857786241 0.1646794111 -0.5961817218 -3.8466148677 0.6078262280 -0.3839681748 0.6950652612  1.4301984879   -0.1144518697 -0.9085423118 -0.4018104493 -12.3649572045 
3 'crystal symmetry operation' 3_675 -x+y+1,-x+2,z 0.7857786241 0.6078262280 -0.1144518697 0.7380831158  0.1646794111 -0.3839681748 -0.9085423118 -10.0514778309 -0.5961817218 0.6950652612  -0.4018104493 -8.2557317699 
# 
loop_
_pdbx_struct_special_symmetry.id 
_pdbx_struct_special_symmetry.PDB_model_num 
_pdbx_struct_special_symmetry.auth_asym_id 
_pdbx_struct_special_symmetry.auth_comp_id 
_pdbx_struct_special_symmetry.auth_seq_id 
_pdbx_struct_special_symmetry.PDB_ins_code 
_pdbx_struct_special_symmetry.label_asym_id 
_pdbx_struct_special_symmetry.label_comp_id 
_pdbx_struct_special_symmetry.label_seq_id 
1 1 A HOH 101 ? B HOH . 
2 1 A HOH 102 ? B HOH . 
# 
loop_
_pdbx_audit_revision_history.ordinal 
_pdbx_audit_revision_history.data_content_type 
_pdbx_audit_revision_history.major_revision 
_pdbx_audit_revision_history.minor_revision 
_pdbx_audit_revision_history.revision_date 
1 'Structure model' 1 0 2002-04-24 
2 'Structure model' 1 1 2008-04-27 
3 'Structure model' 1 2 2011-07-13 
4 'Structure model' 1 3 2017-08-09 
5 'Structure model' 1 4 2017-10-04 
6 'Structure model' 1 5 2021-10-27 
7 'Structure model' 1 6 2023-08-16 
# 
_pdbx_audit_revision_details.ordinal             1 
_pdbx_audit_revision_details.revision_ordinal    1 
_pdbx_audit_revision_details.data_content_type   'Structure model' 
_pdbx_audit_revision_details.provider            repository 
_pdbx_audit_revision_details.type                'Initial release' 
_pdbx_audit_revision_details.description         ? 
_pdbx_audit_revision_details.details             ? 
# 
loop_
_pdbx_audit_revision_group.ordinal 
_pdbx_audit_revision_group.revision_ordinal 
_pdbx_audit_revision_group.data_content_type 
_pdbx_audit_revision_group.group 
1 2 'Structure model' 'Version format compliance' 
2 3 'Structure model' 'Derived calculations'      
3 3 'Structure model' 'Version format compliance' 
4 4 'Structure model' 'Refinement description'    
5 4 'Structure model' 'Source and taxonomy'       
6 5 'Structure model' 'Refinement description'    
7 6 'Structure model' 'Database references'       
8 7 'Structure model' 'Data collection'           
9 7 'Structure model' 'Refinement description'    
# 
loop_
_pdbx_audit_revision_category.ordinal 
_pdbx_audit_revision_category.revision_ordinal 
_pdbx_audit_revision_category.data_content_type 
_pdbx_audit_revision_category.category 
1 4 'Structure model' entity_src_gen                
2 4 'Structure model' software                      
3 5 'Structure model' software                      
4 6 'Structure model' database_2                    
5 6 'Structure model' struct_ref_seq_dif            
6 7 'Structure model' chem_comp_atom                
7 7 'Structure model' chem_comp_bond                
8 7 'Structure model' pdbx_initial_refinement_model 
# 
loop_
_pdbx_audit_revision_item.ordinal 
_pdbx_audit_revision_item.revision_ordinal 
_pdbx_audit_revision_item.data_content_type 
_pdbx_audit_revision_item.item 
1 5 'Structure model' '_software.name'                      
2 6 'Structure model' '_database_2.pdbx_DOI'                
3 6 'Structure model' '_database_2.pdbx_database_accession' 
4 6 'Structure model' '_struct_ref_seq_dif.details'         
# 
loop_
_software.name 
_software.classification 
_software.version 
_software.citation_id 
_software.pdbx_ordinal 
AMoRE     phasing          .   ? 1 
CNS       refinement       1.0 ? 2 
MADNESS   'data reduction' .   ? 3 
SCALEPACK 'data scaling'   .   ? 4 
# 
loop_
_pdbx_unobs_or_zero_occ_atoms.id 
_pdbx_unobs_or_zero_occ_atoms.PDB_model_num 
_pdbx_unobs_or_zero_occ_atoms.polymer_flag 
_pdbx_unobs_or_zero_occ_atoms.occupancy_flag 
_pdbx_unobs_or_zero_occ_atoms.auth_asym_id 
_pdbx_unobs_or_zero_occ_atoms.auth_comp_id 
_pdbx_unobs_or_zero_occ_atoms.auth_seq_id 
_pdbx_unobs_or_zero_occ_atoms.PDB_ins_code 
_pdbx_unobs_or_zero_occ_atoms.auth_atom_id 
_pdbx_unobs_or_zero_occ_atoms.label_alt_id 
_pdbx_unobs_or_zero_occ_atoms.label_asym_id 
_pdbx_unobs_or_zero_occ_atoms.label_comp_id 
_pdbx_unobs_or_zero_occ_atoms.label_seq_id 
_pdbx_unobs_or_zero_occ_atoms.label_atom_id 
1  1 Y 1 A ARG 20 ? CZ  ? A ARG 20 CZ  
2  1 Y 1 A ARG 20 ? NH1 ? A ARG 20 NH1 
3  1 Y 1 A ARG 20 ? NH2 ? A ARG 20 NH2 
4  1 Y 1 A GLN 48 ? CD  ? A GLN 48 CD  
5  1 Y 1 A GLN 48 ? OE1 ? A GLN 48 OE1 
6  1 Y 1 A GLN 48 ? NE2 ? A GLN 48 NE2 
7  1 Y 1 A LYS 51 ? CD  ? A LYS 51 CD  
8  1 Y 1 A LYS 51 ? CE  ? A LYS 51 CE  
9  1 Y 1 A LYS 51 ? NZ  ? A LYS 51 NZ  
10 1 Y 1 A GLU 59 ? CD  ? A GLU 59 CD  
11 1 Y 1 A GLU 59 ? OE1 ? A GLU 59 OE1 
12 1 Y 1 A GLU 59 ? OE2 ? A GLU 59 OE2 
13 1 Y 1 A GLU 73 ? CD  ? A GLU 73 CD  
14 1 Y 1 A GLU 73 ? OE1 ? A GLU 73 OE1 
15 1 Y 1 A GLU 73 ? OE2 ? A GLU 73 OE2 
16 1 Y 1 A LYS 81 ? CD  ? A LYS 81 CD  
17 1 Y 1 A LYS 81 ? CE  ? A LYS 81 CE  
18 1 Y 1 A LYS 81 ? NZ  ? A LYS 81 NZ  
# 
loop_
_pdbx_unobs_or_zero_occ_residues.id 
_pdbx_unobs_or_zero_occ_residues.PDB_model_num 
_pdbx_unobs_or_zero_occ_residues.polymer_flag 
_pdbx_unobs_or_zero_occ_residues.occupancy_flag 
_pdbx_unobs_or_zero_occ_residues.auth_asym_id 
_pdbx_unobs_or_zero_occ_residues.auth_comp_id 
_pdbx_unobs_or_zero_occ_residues.auth_seq_id 
_pdbx_unobs_or_zero_occ_residues.PDB_ins_code 
_pdbx_unobs_or_zero_occ_residues.label_asym_id 
_pdbx_unobs_or_zero_occ_residues.label_comp_id 
_pdbx_unobs_or_zero_occ_residues.label_seq_id 
1  1 Y 1 A ARG 1  ? A ARG 1  
2  1 Y 1 A THR 2  ? A THR 2  
3  1 Y 1 A SER 3  ? A SER 3  
4  1 Y 1 A ARG 38 ? A ARG 38 
5  1 Y 1 A VAL 39 ? A VAL 39 
6  1 Y 1 A THR 40 ? A THR 40 
7  1 Y 1 A SER 41 ? A SER 41 
8  1 Y 1 A GLY 42 ? A GLY 42 
9  1 Y 1 A GLY 43 ? A GLY 43 
10 1 Y 1 A ARG 44 ? A ARG 44 
11 1 Y 1 A LEU 82 ? A LEU 82 
12 1 Y 1 A ASN 83 ? A ASN 83 
13 1 Y 1 A SER 84 ? A SER 84 
# 
loop_
_chem_comp_atom.comp_id 
_chem_comp_atom.atom_id 
_chem_comp_atom.type_symbol 
_chem_comp_atom.pdbx_aromatic_flag 
_chem_comp_atom.pdbx_stereo_config 
_chem_comp_atom.pdbx_ordinal 
ALA N    N N N 1   
ALA CA   C N S 2   
ALA C    C N N 3   
ALA O    O N N 4   
ALA CB   C N N 5   
ALA OXT  O N N 6   
ALA H    H N N 7   
ALA H2   H N N 8   
ALA HA   H N N 9   
ALA HB1  H N N 10  
ALA HB2  H N N 11  
ALA HB3  H N N 12  
ALA HXT  H N N 13  
ARG N    N N N 14  
ARG CA   C N S 15  
ARG C    C N N 16  
ARG O    O N N 17  
ARG CB   C N N 18  
ARG CG   C N N 19  
ARG CD   C N N 20  
ARG NE   N N N 21  
ARG CZ   C N N 22  
ARG NH1  N N N 23  
ARG NH2  N N N 24  
ARG OXT  O N N 25  
ARG H    H N N 26  
ARG H2   H N N 27  
ARG HA   H N N 28  
ARG HB2  H N N 29  
ARG HB3  H N N 30  
ARG HG2  H N N 31  
ARG HG3  H N N 32  
ARG HD2  H N N 33  
ARG HD3  H N N 34  
ARG HE   H N N 35  
ARG HH11 H N N 36  
ARG HH12 H N N 37  
ARG HH21 H N N 38  
ARG HH22 H N N 39  
ARG HXT  H N N 40  
ASN N    N N N 41  
ASN CA   C N S 42  
ASN C    C N N 43  
ASN O    O N N 44  
ASN CB   C N N 45  
ASN CG   C N N 46  
ASN OD1  O N N 47  
ASN ND2  N N N 48  
ASN OXT  O N N 49  
ASN H    H N N 50  
ASN H2   H N N 51  
ASN HA   H N N 52  
ASN HB2  H N N 53  
ASN HB3  H N N 54  
ASN HD21 H N N 55  
ASN HD22 H N N 56  
ASN HXT  H N N 57  
ASP N    N N N 58  
ASP CA   C N S 59  
ASP C    C N N 60  
ASP O    O N N 61  
ASP CB   C N N 62  
ASP CG   C N N 63  
ASP OD1  O N N 64  
ASP OD2  O N N 65  
ASP OXT  O N N 66  
ASP H    H N N 67  
ASP H2   H N N 68  
ASP HA   H N N 69  
ASP HB2  H N N 70  
ASP HB3  H N N 71  
ASP HD2  H N N 72  
ASP HXT  H N N 73  
GLN N    N N N 74  
GLN CA   C N S 75  
GLN C    C N N 76  
GLN O    O N N 77  
GLN CB   C N N 78  
GLN CG   C N N 79  
GLN CD   C N N 80  
GLN OE1  O N N 81  
GLN NE2  N N N 82  
GLN OXT  O N N 83  
GLN H    H N N 84  
GLN H2   H N N 85  
GLN HA   H N N 86  
GLN HB2  H N N 87  
GLN HB3  H N N 88  
GLN HG2  H N N 89  
GLN HG3  H N N 90  
GLN HE21 H N N 91  
GLN HE22 H N N 92  
GLN HXT  H N N 93  
GLU N    N N N 94  
GLU CA   C N S 95  
GLU C    C N N 96  
GLU O    O N N 97  
GLU CB   C N N 98  
GLU CG   C N N 99  
GLU CD   C N N 100 
GLU OE1  O N N 101 
GLU OE2  O N N 102 
GLU OXT  O N N 103 
GLU H    H N N 104 
GLU H2   H N N 105 
GLU HA   H N N 106 
GLU HB2  H N N 107 
GLU HB3  H N N 108 
GLU HG2  H N N 109 
GLU HG3  H N N 110 
GLU HE2  H N N 111 
GLU HXT  H N N 112 
GLY N    N N N 113 
GLY CA   C N N 114 
GLY C    C N N 115 
GLY O    O N N 116 
GLY OXT  O N N 117 
GLY H    H N N 118 
GLY H2   H N N 119 
GLY HA2  H N N 120 
GLY HA3  H N N 121 
GLY HXT  H N N 122 
HOH O    O N N 123 
HOH H1   H N N 124 
HOH H2   H N N 125 
ILE N    N N N 126 
ILE CA   C N S 127 
ILE C    C N N 128 
ILE O    O N N 129 
ILE CB   C N S 130 
ILE CG1  C N N 131 
ILE CG2  C N N 132 
ILE CD1  C N N 133 
ILE OXT  O N N 134 
ILE H    H N N 135 
ILE H2   H N N 136 
ILE HA   H N N 137 
ILE HB   H N N 138 
ILE HG12 H N N 139 
ILE HG13 H N N 140 
ILE HG21 H N N 141 
ILE HG22 H N N 142 
ILE HG23 H N N 143 
ILE HD11 H N N 144 
ILE HD12 H N N 145 
ILE HD13 H N N 146 
ILE HXT  H N N 147 
LEU N    N N N 148 
LEU CA   C N S 149 
LEU C    C N N 150 
LEU O    O N N 151 
LEU CB   C N N 152 
LEU CG   C N N 153 
LEU CD1  C N N 154 
LEU CD2  C N N 155 
LEU OXT  O N N 156 
LEU H    H N N 157 
LEU H2   H N N 158 
LEU HA   H N N 159 
LEU HB2  H N N 160 
LEU HB3  H N N 161 
LEU HG   H N N 162 
LEU HD11 H N N 163 
LEU HD12 H N N 164 
LEU HD13 H N N 165 
LEU HD21 H N N 166 
LEU HD22 H N N 167 
LEU HD23 H N N 168 
LEU HXT  H N N 169 
LYS N    N N N 170 
LYS CA   C N S 171 
LYS C    C N N 172 
LYS O    O N N 173 
LYS CB   C N N 174 
LYS CG   C N N 175 
LYS CD   C N N 176 
LYS CE   C N N 177 
LYS NZ   N N N 178 
LYS OXT  O N N 179 
LYS H    H N N 180 
LYS H2   H N N 181 
LYS HA   H N N 182 
LYS HB2  H N N 183 
LYS HB3  H N N 184 
LYS HG2  H N N 185 
LYS HG3  H N N 186 
LYS HD2  H N N 187 
LYS HD3  H N N 188 
LYS HE2  H N N 189 
LYS HE3  H N N 190 
LYS HZ1  H N N 191 
LYS HZ2  H N N 192 
LYS HZ3  H N N 193 
LYS HXT  H N N 194 
MET N    N N N 195 
MET CA   C N S 196 
MET C    C N N 197 
MET O    O N N 198 
MET CB   C N N 199 
MET CG   C N N 200 
MET SD   S N N 201 
MET CE   C N N 202 
MET OXT  O N N 203 
MET H    H N N 204 
MET H2   H N N 205 
MET HA   H N N 206 
MET HB2  H N N 207 
MET HB3  H N N 208 
MET HG2  H N N 209 
MET HG3  H N N 210 
MET HE1  H N N 211 
MET HE2  H N N 212 
MET HE3  H N N 213 
MET HXT  H N N 214 
PHE N    N N N 215 
PHE CA   C N S 216 
PHE C    C N N 217 
PHE O    O N N 218 
PHE CB   C N N 219 
PHE CG   C Y N 220 
PHE CD1  C Y N 221 
PHE CD2  C Y N 222 
PHE CE1  C Y N 223 
PHE CE2  C Y N 224 
PHE CZ   C Y N 225 
PHE OXT  O N N 226 
PHE H    H N N 227 
PHE H2   H N N 228 
PHE HA   H N N 229 
PHE HB2  H N N 230 
PHE HB3  H N N 231 
PHE HD1  H N N 232 
PHE HD2  H N N 233 
PHE HE1  H N N 234 
PHE HE2  H N N 235 
PHE HZ   H N N 236 
PHE HXT  H N N 237 
SER N    N N N 238 
SER CA   C N S 239 
SER C    C N N 240 
SER O    O N N 241 
SER CB   C N N 242 
SER OG   O N N 243 
SER OXT  O N N 244 
SER H    H N N 245 
SER H2   H N N 246 
SER HA   H N N 247 
SER HB2  H N N 248 
SER HB3  H N N 249 
SER HG   H N N 250 
SER HXT  H N N 251 
THR N    N N N 252 
THR CA   C N S 253 
THR C    C N N 254 
THR O    O N N 255 
THR CB   C N R 256 
THR OG1  O N N 257 
THR CG2  C N N 258 
THR OXT  O N N 259 
THR H    H N N 260 
THR H2   H N N 261 
THR HA   H N N 262 
THR HB   H N N 263 
THR HG1  H N N 264 
THR HG21 H N N 265 
THR HG22 H N N 266 
THR HG23 H N N 267 
THR HXT  H N N 268 
TRP N    N N N 269 
TRP CA   C N S 270 
TRP C    C N N 271 
TRP O    O N N 272 
TRP CB   C N N 273 
TRP CG   C Y N 274 
TRP CD1  C Y N 275 
TRP CD2  C Y N 276 
TRP NE1  N Y N 277 
TRP CE2  C Y N 278 
TRP CE3  C Y N 279 
TRP CZ2  C Y N 280 
TRP CZ3  C Y N 281 
TRP CH2  C Y N 282 
TRP OXT  O N N 283 
TRP H    H N N 284 
TRP H2   H N N 285 
TRP HA   H N N 286 
TRP HB2  H N N 287 
TRP HB3  H N N 288 
TRP HD1  H N N 289 
TRP HE1  H N N 290 
TRP HE3  H N N 291 
TRP HZ2  H N N 292 
TRP HZ3  H N N 293 
TRP HH2  H N N 294 
TRP HXT  H N N 295 
TYR N    N N N 296 
TYR CA   C N S 297 
TYR C    C N N 298 
TYR O    O N N 299 
TYR CB   C N N 300 
TYR CG   C Y N 301 
TYR CD1  C Y N 302 
TYR CD2  C Y N 303 
TYR CE1  C Y N 304 
TYR CE2  C Y N 305 
TYR CZ   C Y N 306 
TYR OH   O N N 307 
TYR OXT  O N N 308 
TYR H    H N N 309 
TYR H2   H N N 310 
TYR HA   H N N 311 
TYR HB2  H N N 312 
TYR HB3  H N N 313 
TYR HD1  H N N 314 
TYR HD2  H N N 315 
TYR HE1  H N N 316 
TYR HE2  H N N 317 
TYR HH   H N N 318 
TYR HXT  H N N 319 
VAL N    N N N 320 
VAL CA   C N S 321 
VAL C    C N N 322 
VAL O    O N N 323 
VAL CB   C N N 324 
VAL CG1  C N N 325 
VAL CG2  C N N 326 
VAL OXT  O N N 327 
VAL H    H N N 328 
VAL H2   H N N 329 
VAL HA   H N N 330 
VAL HB   H N N 331 
VAL HG11 H N N 332 
VAL HG12 H N N 333 
VAL HG13 H N N 334 
VAL HG21 H N N 335 
VAL HG22 H N N 336 
VAL HG23 H N N 337 
VAL HXT  H N N 338 
# 
loop_
_chem_comp_bond.comp_id 
_chem_comp_bond.atom_id_1 
_chem_comp_bond.atom_id_2 
_chem_comp_bond.value_order 
_chem_comp_bond.pdbx_aromatic_flag 
_chem_comp_bond.pdbx_stereo_config 
_chem_comp_bond.pdbx_ordinal 
ALA N   CA   sing N N 1   
ALA N   H    sing N N 2   
ALA N   H2   sing N N 3   
ALA CA  C    sing N N 4   
ALA CA  CB   sing N N 5   
ALA CA  HA   sing N N 6   
ALA C   O    doub N N 7   
ALA C   OXT  sing N N 8   
ALA CB  HB1  sing N N 9   
ALA CB  HB2  sing N N 10  
ALA CB  HB3  sing N N 11  
ALA OXT HXT  sing N N 12  
ARG N   CA   sing N N 13  
ARG N   H    sing N N 14  
ARG N   H2   sing N N 15  
ARG CA  C    sing N N 16  
ARG CA  CB   sing N N 17  
ARG CA  HA   sing N N 18  
ARG C   O    doub N N 19  
ARG C   OXT  sing N N 20  
ARG CB  CG   sing N N 21  
ARG CB  HB2  sing N N 22  
ARG CB  HB3  sing N N 23  
ARG CG  CD   sing N N 24  
ARG CG  HG2  sing N N 25  
ARG CG  HG3  sing N N 26  
ARG CD  NE   sing N N 27  
ARG CD  HD2  sing N N 28  
ARG CD  HD3  sing N N 29  
ARG NE  CZ   sing N N 30  
ARG NE  HE   sing N N 31  
ARG CZ  NH1  sing N N 32  
ARG CZ  NH2  doub N N 33  
ARG NH1 HH11 sing N N 34  
ARG NH1 HH12 sing N N 35  
ARG NH2 HH21 sing N N 36  
ARG NH2 HH22 sing N N 37  
ARG OXT HXT  sing N N 38  
ASN N   CA   sing N N 39  
ASN N   H    sing N N 40  
ASN N   H2   sing N N 41  
ASN CA  C    sing N N 42  
ASN CA  CB   sing N N 43  
ASN CA  HA   sing N N 44  
ASN C   O    doub N N 45  
ASN C   OXT  sing N N 46  
ASN CB  CG   sing N N 47  
ASN CB  HB2  sing N N 48  
ASN CB  HB3  sing N N 49  
ASN CG  OD1  doub N N 50  
ASN CG  ND2  sing N N 51  
ASN ND2 HD21 sing N N 52  
ASN ND2 HD22 sing N N 53  
ASN OXT HXT  sing N N 54  
ASP N   CA   sing N N 55  
ASP N   H    sing N N 56  
ASP N   H2   sing N N 57  
ASP CA  C    sing N N 58  
ASP CA  CB   sing N N 59  
ASP CA  HA   sing N N 60  
ASP C   O    doub N N 61  
ASP C   OXT  sing N N 62  
ASP CB  CG   sing N N 63  
ASP CB  HB2  sing N N 64  
ASP CB  HB3  sing N N 65  
ASP CG  OD1  doub N N 66  
ASP CG  OD2  sing N N 67  
ASP OD2 HD2  sing N N 68  
ASP OXT HXT  sing N N 69  
GLN N   CA   sing N N 70  
GLN N   H    sing N N 71  
GLN N   H2   sing N N 72  
GLN CA  C    sing N N 73  
GLN CA  CB   sing N N 74  
GLN CA  HA   sing N N 75  
GLN C   O    doub N N 76  
GLN C   OXT  sing N N 77  
GLN CB  CG   sing N N 78  
GLN CB  HB2  sing N N 79  
GLN CB  HB3  sing N N 80  
GLN CG  CD   sing N N 81  
GLN CG  HG2  sing N N 82  
GLN CG  HG3  sing N N 83  
GLN CD  OE1  doub N N 84  
GLN CD  NE2  sing N N 85  
GLN NE2 HE21 sing N N 86  
GLN NE2 HE22 sing N N 87  
GLN OXT HXT  sing N N 88  
GLU N   CA   sing N N 89  
GLU N   H    sing N N 90  
GLU N   H2   sing N N 91  
GLU CA  C    sing N N 92  
GLU CA  CB   sing N N 93  
GLU CA  HA   sing N N 94  
GLU C   O    doub N N 95  
GLU C   OXT  sing N N 96  
GLU CB  CG   sing N N 97  
GLU CB  HB2  sing N N 98  
GLU CB  HB3  sing N N 99  
GLU CG  CD   sing N N 100 
GLU CG  HG2  sing N N 101 
GLU CG  HG3  sing N N 102 
GLU CD  OE1  doub N N 103 
GLU CD  OE2  sing N N 104 
GLU OE2 HE2  sing N N 105 
GLU OXT HXT  sing N N 106 
GLY N   CA   sing N N 107 
GLY N   H    sing N N 108 
GLY N   H2   sing N N 109 
GLY CA  C    sing N N 110 
GLY CA  HA2  sing N N 111 
GLY CA  HA3  sing N N 112 
GLY C   O    doub N N 113 
GLY C   OXT  sing N N 114 
GLY OXT HXT  sing N N 115 
HOH O   H1   sing N N 116 
HOH O   H2   sing N N 117 
ILE N   CA   sing N N 118 
ILE N   H    sing N N 119 
ILE N   H2   sing N N 120 
ILE CA  C    sing N N 121 
ILE CA  CB   sing N N 122 
ILE CA  HA   sing N N 123 
ILE C   O    doub N N 124 
ILE C   OXT  sing N N 125 
ILE CB  CG1  sing N N 126 
ILE CB  CG2  sing N N 127 
ILE CB  HB   sing N N 128 
ILE CG1 CD1  sing N N 129 
ILE CG1 HG12 sing N N 130 
ILE CG1 HG13 sing N N 131 
ILE CG2 HG21 sing N N 132 
ILE CG2 HG22 sing N N 133 
ILE CG2 HG23 sing N N 134 
ILE CD1 HD11 sing N N 135 
ILE CD1 HD12 sing N N 136 
ILE CD1 HD13 sing N N 137 
ILE OXT HXT  sing N N 138 
LEU N   CA   sing N N 139 
LEU N   H    sing N N 140 
LEU N   H2   sing N N 141 
LEU CA  C    sing N N 142 
LEU CA  CB   sing N N 143 
LEU CA  HA   sing N N 144 
LEU C   O    doub N N 145 
LEU C   OXT  sing N N 146 
LEU CB  CG   sing N N 147 
LEU CB  HB2  sing N N 148 
LEU CB  HB3  sing N N 149 
LEU CG  CD1  sing N N 150 
LEU CG  CD2  sing N N 151 
LEU CG  HG   sing N N 152 
LEU CD1 HD11 sing N N 153 
LEU CD1 HD12 sing N N 154 
LEU CD1 HD13 sing N N 155 
LEU CD2 HD21 sing N N 156 
LEU CD2 HD22 sing N N 157 
LEU CD2 HD23 sing N N 158 
LEU OXT HXT  sing N N 159 
LYS N   CA   sing N N 160 
LYS N   H    sing N N 161 
LYS N   H2   sing N N 162 
LYS CA  C    sing N N 163 
LYS CA  CB   sing N N 164 
LYS CA  HA   sing N N 165 
LYS C   O    doub N N 166 
LYS C   OXT  sing N N 167 
LYS CB  CG   sing N N 168 
LYS CB  HB2  sing N N 169 
LYS CB  HB3  sing N N 170 
LYS CG  CD   sing N N 171 
LYS CG  HG2  sing N N 172 
LYS CG  HG3  sing N N 173 
LYS CD  CE   sing N N 174 
LYS CD  HD2  sing N N 175 
LYS CD  HD3  sing N N 176 
LYS CE  NZ   sing N N 177 
LYS CE  HE2  sing N N 178 
LYS CE  HE3  sing N N 179 
LYS NZ  HZ1  sing N N 180 
LYS NZ  HZ2  sing N N 181 
LYS NZ  HZ3  sing N N 182 
LYS OXT HXT  sing N N 183 
MET N   CA   sing N N 184 
MET N   H    sing N N 185 
MET N   H2   sing N N 186 
MET CA  C    sing N N 187 
MET CA  CB   sing N N 188 
MET CA  HA   sing N N 189 
MET C   O    doub N N 190 
MET C   OXT  sing N N 191 
MET CB  CG   sing N N 192 
MET CB  HB2  sing N N 193 
MET CB  HB3  sing N N 194 
MET CG  SD   sing N N 195 
MET CG  HG2  sing N N 196 
MET CG  HG3  sing N N 197 
MET SD  CE   sing N N 198 
MET CE  HE1  sing N N 199 
MET CE  HE2  sing N N 200 
MET CE  HE3  sing N N 201 
MET OXT HXT  sing N N 202 
PHE N   CA   sing N N 203 
PHE N   H    sing N N 204 
PHE N   H2   sing N N 205 
PHE CA  C    sing N N 206 
PHE CA  CB   sing N N 207 
PHE CA  HA   sing N N 208 
PHE C   O    doub N N 209 
PHE C   OXT  sing N N 210 
PHE CB  CG   sing N N 211 
PHE CB  HB2  sing N N 212 
PHE CB  HB3  sing N N 213 
PHE CG  CD1  doub Y N 214 
PHE CG  CD2  sing Y N 215 
PHE CD1 CE1  sing Y N 216 
PHE CD1 HD1  sing N N 217 
PHE CD2 CE2  doub Y N 218 
PHE CD2 HD2  sing N N 219 
PHE CE1 CZ   doub Y N 220 
PHE CE1 HE1  sing N N 221 
PHE CE2 CZ   sing Y N 222 
PHE CE2 HE2  sing N N 223 
PHE CZ  HZ   sing N N 224 
PHE OXT HXT  sing N N 225 
SER N   CA   sing N N 226 
SER N   H    sing N N 227 
SER N   H2   sing N N 228 
SER CA  C    sing N N 229 
SER CA  CB   sing N N 230 
SER CA  HA   sing N N 231 
SER C   O    doub N N 232 
SER C   OXT  sing N N 233 
SER CB  OG   sing N N 234 
SER CB  HB2  sing N N 235 
SER CB  HB3  sing N N 236 
SER OG  HG   sing N N 237 
SER OXT HXT  sing N N 238 
THR N   CA   sing N N 239 
THR N   H    sing N N 240 
THR N   H2   sing N N 241 
THR CA  C    sing N N 242 
THR CA  CB   sing N N 243 
THR CA  HA   sing N N 244 
THR C   O    doub N N 245 
THR C   OXT  sing N N 246 
THR CB  OG1  sing N N 247 
THR CB  CG2  sing N N 248 
THR CB  HB   sing N N 249 
THR OG1 HG1  sing N N 250 
THR CG2 HG21 sing N N 251 
THR CG2 HG22 sing N N 252 
THR CG2 HG23 sing N N 253 
THR OXT HXT  sing N N 254 
TRP N   CA   sing N N 255 
TRP N   H    sing N N 256 
TRP N   H2   sing N N 257 
TRP CA  C    sing N N 258 
TRP CA  CB   sing N N 259 
TRP CA  HA   sing N N 260 
TRP C   O    doub N N 261 
TRP C   OXT  sing N N 262 
TRP CB  CG   sing N N 263 
TRP CB  HB2  sing N N 264 
TRP CB  HB3  sing N N 265 
TRP CG  CD1  doub Y N 266 
TRP CG  CD2  sing Y N 267 
TRP CD1 NE1  sing Y N 268 
TRP CD1 HD1  sing N N 269 
TRP CD2 CE2  doub Y N 270 
TRP CD2 CE3  sing Y N 271 
TRP NE1 CE2  sing Y N 272 
TRP NE1 HE1  sing N N 273 
TRP CE2 CZ2  sing Y N 274 
TRP CE3 CZ3  doub Y N 275 
TRP CE3 HE3  sing N N 276 
TRP CZ2 CH2  doub Y N 277 
TRP CZ2 HZ2  sing N N 278 
TRP CZ3 CH2  sing Y N 279 
TRP CZ3 HZ3  sing N N 280 
TRP CH2 HH2  sing N N 281 
TRP OXT HXT  sing N N 282 
TYR N   CA   sing N N 283 
TYR N   H    sing N N 284 
TYR N   H2   sing N N 285 
TYR CA  C    sing N N 286 
TYR CA  CB   sing N N 287 
TYR CA  HA   sing N N 288 
TYR C   O    doub N N 289 
TYR C   OXT  sing N N 290 
TYR CB  CG   sing N N 291 
TYR CB  HB2  sing N N 292 
TYR CB  HB3  sing N N 293 
TYR CG  CD1  doub Y N 294 
TYR CG  CD2  sing Y N 295 
TYR CD1 CE1  sing Y N 296 
TYR CD1 HD1  sing N N 297 
TYR CD2 CE2  doub Y N 298 
TYR CD2 HD2  sing N N 299 
TYR CE1 CZ   doub Y N 300 
TYR CE1 HE1  sing N N 301 
TYR CE2 CZ   sing Y N 302 
TYR CE2 HE2  sing N N 303 
TYR CZ  OH   sing N N 304 
TYR OH  HH   sing N N 305 
TYR OXT HXT  sing N N 306 
VAL N   CA   sing N N 307 
VAL N   H    sing N N 308 
VAL N   H2   sing N N 309 
VAL CA  C    sing N N 310 
VAL CA  CB   sing N N 311 
VAL CA  HA   sing N N 312 
VAL C   O    doub N N 313 
VAL C   OXT  sing N N 314 
VAL CB  CG1  sing N N 315 
VAL CB  CG2  sing N N 316 
VAL CB  HB   sing N N 317 
VAL CG1 HG11 sing N N 318 
VAL CG1 HG12 sing N N 319 
VAL CG1 HG13 sing N N 320 
VAL CG2 HG21 sing N N 321 
VAL CG2 HG22 sing N N 322 
VAL CG2 HG23 sing N N 323 
VAL OXT HXT  sing N N 324 
# 
_pdbx_entity_nonpoly.entity_id   2 
_pdbx_entity_nonpoly.name        water 
_pdbx_entity_nonpoly.comp_id     HOH 
# 
_pdbx_initial_refinement_model.id               1 
_pdbx_initial_refinement_model.entity_id_list   ? 
_pdbx_initial_refinement_model.type             'experimental model' 
_pdbx_initial_refinement_model.source_name      PDB 
_pdbx_initial_refinement_model.accession_code   1QBZ 
_pdbx_initial_refinement_model.details          'PDB ENTRY 1QBZ' 
# 
